data_1V2E
#
_entry.id   1V2E
#
_cell.length_a   123.14
_cell.length_b   123.14
_cell.length_c   122.96
_cell.angle_alpha   90
_cell.angle_beta   90
_cell.angle_gamma   120
#
_symmetry.space_group_name_H-M   'P 31 2 1'
#
loop_
_entity.id
_entity.type
_entity.pdbx_description
1 polymer 'Glutamine Aminotransferase'
2 non-polymer "PYRIDOXAL-5'-PHOSPHATE"
3 non-polymer '4-(METHYLSULFANYL)-2-OXOBUTANOIC ACID'
4 water water
#
_entity_poly.entity_id   1
_entity_poly.type   'polypeptide(L)'
_entity_poly.pdbx_seq_one_letter_code
;MRLHPRTEAAKESIFPRMSGLAQRLGAVNLGQGFPSNPPPPFLLEAVRRALGRQDQYAPPAGLPALREALAEEFAVEPES
VVVTSGATEALYVLLQSLVGPGDEVVVLEPFFDVYLPDAFLAGAKARLVRLDLTPEGFRLDLSALEKALTPRTRALLLNT
PMNPTGLVFGERELEAIARLARAHDLFLISDEVYDELYYGERPRRLREFAPERTFTVGSAGKRLEATGYRVGWIVGPKEF
MPRLAGMRQWTSFSAPTPLQAGVAEALKLARREGFYEALREGYRRRRDLLAGGLRAMGLRVYVPEGTYFLMAELPGWDAF
RLVEEARVALIPASAFYLEDPPKDLFRFAFCKTEEELHLALERLGRVVNSPREAEGGAVSG
;
_entity_poly.pdbx_strand_id   A,B
#
loop_
_chem_comp.id
_chem_comp.type
_chem_comp.name
_chem_comp.formula
KMT non-polymer '4-(METHYLSULFANYL)-2-OXOBUTANOIC ACID' 'C5 H8 O3 S'
PLP non-polymer PYRIDOXAL-5'-PHOSPHATE 'C8 H10 N O6 P'
#
# COMPACT_ATOMS: atom_id res chain seq x y z
N MET A 1 -8.90 -23.94 -12.83
CA MET A 1 -8.33 -22.99 -11.82
C MET A 1 -9.23 -21.79 -11.60
N ARG A 2 -9.69 -21.61 -10.36
CA ARG A 2 -10.55 -20.48 -10.03
C ARG A 2 -9.95 -19.75 -8.83
N LEU A 3 -10.19 -18.45 -8.75
CA LEU A 3 -9.66 -17.66 -7.64
C LEU A 3 -10.27 -18.13 -6.32
N HIS A 4 -9.60 -17.82 -5.21
CA HIS A 4 -10.11 -18.20 -3.92
C HIS A 4 -11.42 -17.42 -3.69
N PRO A 5 -12.43 -18.05 -3.06
CA PRO A 5 -13.71 -17.38 -2.79
C PRO A 5 -13.60 -16.00 -2.13
N ARG A 6 -12.54 -15.81 -1.35
CA ARG A 6 -12.33 -14.53 -0.66
C ARG A 6 -12.40 -13.35 -1.63
N THR A 7 -11.87 -13.56 -2.83
CA THR A 7 -11.86 -12.53 -3.85
C THR A 7 -13.27 -12.12 -4.29
N GLU A 8 -14.28 -12.58 -3.59
CA GLU A 8 -15.62 -12.19 -3.96
C GLU A 8 -15.86 -10.79 -3.46
N ALA A 9 -14.99 -10.32 -2.57
CA ALA A 9 -15.11 -8.98 -2.02
C ALA A 9 -14.45 -7.92 -2.91
N ALA A 10 -13.61 -8.38 -3.84
CA ALA A 10 -12.92 -7.49 -4.76
C ALA A 10 -13.79 -7.00 -5.91
N LYS A 11 -14.64 -6.01 -5.64
CA LYS A 11 -15.52 -5.41 -6.64
C LYS A 11 -15.14 -3.93 -6.79
N GLU A 12 -15.25 -3.38 -8.00
CA GLU A 12 -14.88 -1.99 -8.20
C GLU A 12 -15.67 -1.07 -7.27
N SER A 13 -14.94 -0.28 -6.48
CA SER A 13 -15.55 0.65 -5.56
C SER A 13 -16.49 1.56 -6.35
N ILE A 14 -17.57 2.00 -5.72
CA ILE A 14 -18.53 2.88 -6.39
C ILE A 14 -17.85 4.21 -6.77
N PHE A 15 -16.97 4.70 -5.89
CA PHE A 15 -16.29 5.97 -6.11
C PHE A 15 -15.51 6.05 -7.43
N PRO A 16 -14.54 5.15 -7.65
CA PRO A 16 -13.82 5.25 -8.93
C PRO A 16 -14.68 4.87 -10.14
N ARG A 17 -15.73 4.08 -9.91
CA ARG A 17 -16.60 3.69 -11.01
C ARG A 17 -17.37 4.89 -11.56
N MET A 18 -17.95 5.69 -10.67
CA MET A 18 -18.71 6.87 -11.10
C MET A 18 -17.81 7.95 -11.69
N SER A 19 -16.55 7.98 -11.27
CA SER A 19 -15.61 8.97 -11.78
C SER A 19 -15.34 8.72 -13.25
N GLY A 20 -15.34 7.44 -13.63
CA GLY A 20 -15.10 7.08 -15.02
C GLY A 20 -16.34 7.37 -15.82
N LEU A 21 -17.49 7.06 -15.24
CA LEU A 21 -18.75 7.29 -15.88
C LEU A 21 -18.90 8.78 -16.18
N ALA A 22 -18.42 9.62 -15.26
CA ALA A 22 -18.51 11.06 -15.41
C ALA A 22 -17.66 11.65 -16.55
N GLN A 23 -16.40 11.22 -16.66
CA GLN A 23 -15.52 11.71 -17.74
C GLN A 23 -16.17 11.31 -19.07
N ARG A 24 -16.56 10.05 -19.16
CA ARG A 24 -17.18 9.52 -20.35
C ARG A 24 -18.41 10.33 -20.77
N LEU A 25 -19.23 10.73 -19.79
CA LEU A 25 -20.45 11.49 -20.08
C LEU A 25 -20.31 13.01 -20.10
N GLY A 26 -19.14 13.52 -19.72
CA GLY A 26 -18.94 14.97 -19.73
C GLY A 26 -19.70 15.61 -18.59
N ALA A 27 -19.95 14.82 -17.56
CA ALA A 27 -20.70 15.27 -16.40
C ALA A 27 -19.82 15.92 -15.36
N VAL A 28 -20.43 16.74 -14.50
CA VAL A 28 -19.71 17.40 -13.43
C VAL A 28 -19.56 16.37 -12.35
N ASN A 29 -18.34 16.12 -11.93
CA ASN A 29 -18.07 15.12 -10.91
C ASN A 29 -18.22 15.64 -9.48
N LEU A 30 -19.36 15.36 -8.85
CA LEU A 30 -19.55 15.76 -7.47
C LEU A 30 -19.66 14.49 -6.66
N GLY A 31 -19.07 13.41 -7.18
CA GLY A 31 -19.10 12.12 -6.52
C GLY A 31 -17.87 11.78 -5.70
N GLN A 32 -16.90 11.09 -6.28
CA GLN A 32 -15.70 10.74 -5.55
C GLN A 32 -14.98 11.99 -5.02
N GLY A 33 -14.64 11.98 -3.74
CA GLY A 33 -14.00 13.14 -3.16
C GLY A 33 -12.50 13.33 -3.34
N PHE A 34 -12.14 14.42 -4.01
CA PHE A 34 -10.75 14.81 -4.22
C PHE A 34 -10.83 16.20 -4.79
N PRO A 35 -10.08 17.14 -4.19
CA PRO A 35 -10.06 18.53 -4.64
C PRO A 35 -9.82 18.69 -6.13
N SER A 36 -10.38 19.74 -6.71
CA SER A 36 -10.17 20.04 -8.12
C SER A 36 -8.94 20.93 -8.25
N ASN A 37 -8.46 21.45 -7.14
CA ASN A 37 -7.27 22.29 -7.15
C ASN A 37 -6.04 21.45 -6.80
N PRO A 38 -4.84 21.97 -7.10
CA PRO A 38 -3.62 21.21 -6.77
C PRO A 38 -3.33 21.49 -5.29
N PRO A 39 -2.41 20.72 -4.67
CA PRO A 39 -2.14 21.00 -3.26
C PRO A 39 -1.36 22.31 -3.07
N PRO A 40 -1.30 22.86 -1.84
CA PRO A 40 -0.58 24.12 -1.58
C PRO A 40 0.90 24.11 -2.01
N PRO A 41 1.40 25.26 -2.45
CA PRO A 41 2.80 25.38 -2.90
C PRO A 41 3.86 24.88 -1.91
N PHE A 42 3.68 25.12 -0.62
CA PHE A 42 4.69 24.64 0.32
C PHE A 42 4.84 23.11 0.33
N LEU A 43 3.77 22.37 0.03
CA LEU A 43 3.86 20.92 -0.03
C LEU A 43 4.60 20.55 -1.30
N LEU A 44 4.18 21.12 -2.43
CA LEU A 44 4.85 20.83 -3.69
C LEU A 44 6.35 21.13 -3.64
N GLU A 45 6.74 22.26 -3.06
CA GLU A 45 8.16 22.61 -2.97
C GLU A 45 8.87 21.67 -2.01
N ALA A 46 8.20 21.29 -0.93
CA ALA A 46 8.83 20.38 0.01
C ALA A 46 9.08 19.03 -0.66
N VAL A 47 8.18 18.62 -1.55
CA VAL A 47 8.36 17.35 -2.26
C VAL A 47 9.48 17.46 -3.28
N ARG A 48 9.51 18.58 -4.02
CA ARG A 48 10.55 18.86 -5.02
C ARG A 48 11.94 18.80 -4.40
N ARG A 49 12.04 19.35 -3.22
CA ARG A 49 13.28 19.41 -2.47
C ARG A 49 13.73 18.01 -2.02
N ALA A 50 12.80 17.08 -1.94
CA ALA A 50 13.12 15.71 -1.53
C ALA A 50 13.55 14.80 -2.67
N LEU A 51 13.12 15.12 -3.90
CA LEU A 51 13.47 14.29 -5.03
C LEU A 51 14.96 14.36 -5.33
N GLY A 52 15.53 13.20 -5.64
CA GLY A 52 16.94 13.14 -5.95
C GLY A 52 17.83 13.06 -4.72
N ARG A 53 17.23 12.93 -3.54
CA ARG A 53 18.00 12.87 -2.31
C ARG A 53 17.36 12.02 -1.22
N GLN A 54 16.12 11.60 -1.45
CA GLN A 54 15.40 10.75 -0.51
C GLN A 54 14.44 9.93 -1.34
N ASP A 55 15.02 9.19 -2.28
CA ASP A 55 14.28 8.35 -3.21
C ASP A 55 14.17 6.88 -2.86
N GLN A 56 15.04 6.41 -1.98
CA GLN A 56 15.09 5.00 -1.60
C GLN A 56 14.22 4.67 -0.40
N TYR A 57 14.20 3.38 -0.06
CA TYR A 57 13.42 2.86 1.05
C TYR A 57 13.37 3.71 2.30
N ALA A 58 12.37 3.46 3.11
CA ALA A 58 12.21 4.17 4.34
C ALA A 58 11.82 3.11 5.36
N PRO A 59 12.22 3.30 6.62
CA PRO A 59 11.86 2.30 7.62
C PRO A 59 10.36 2.07 7.52
N PRO A 60 9.94 0.79 7.54
CA PRO A 60 8.52 0.46 7.47
C PRO A 60 7.61 1.37 8.29
N ALA A 61 8.06 1.75 9.49
CA ALA A 61 7.26 2.60 10.37
C ALA A 61 7.15 4.01 9.83
N GLY A 62 8.12 4.42 9.03
CA GLY A 62 8.09 5.75 8.43
C GLY A 62 9.39 6.51 8.53
N LEU A 63 9.51 7.63 7.82
CA LEU A 63 10.72 8.44 7.92
C LEU A 63 10.68 9.02 9.32
N PRO A 64 11.84 9.09 9.99
CA PRO A 64 11.84 9.65 11.34
C PRO A 64 11.21 11.04 11.35
N ALA A 65 11.61 11.88 10.39
CA ALA A 65 11.07 13.23 10.29
C ALA A 65 9.54 13.27 10.30
N LEU A 66 8.91 12.35 9.57
CA LEU A 66 7.45 12.32 9.52
C LEU A 66 6.86 11.89 10.86
N ARG A 67 7.49 10.92 11.51
CA ARG A 67 6.98 10.45 12.80
C ARG A 67 7.07 11.56 13.85
N GLU A 68 8.22 12.20 13.90
CA GLU A 68 8.43 13.29 14.86
C GLU A 68 7.39 14.40 14.68
N ALA A 69 7.09 14.72 13.42
CA ALA A 69 6.12 15.75 13.09
C ALA A 69 4.70 15.36 13.50
N LEU A 70 4.35 14.09 13.36
CA LEU A 70 3.03 13.64 13.77
C LEU A 70 3.00 13.62 15.29
N ALA A 71 4.11 13.21 15.90
CA ALA A 71 4.21 13.16 17.37
C ALA A 71 3.82 14.50 18.01
N GLU A 72 4.39 15.60 17.53
CA GLU A 72 4.09 16.93 18.08
C GLU A 72 2.61 17.25 17.97
N GLU A 73 2.05 17.10 16.77
CA GLU A 73 0.64 17.40 16.58
C GLU A 73 -0.25 16.64 17.54
N PHE A 74 0.06 15.36 17.76
CA PHE A 74 -0.75 14.53 18.64
C PHE A 74 -0.34 14.52 20.11
N ALA A 75 0.86 15.01 20.41
CA ALA A 75 1.34 15.04 21.78
C ALA A 75 1.58 13.62 22.31
N VAL A 76 2.29 12.83 21.51
CA VAL A 76 2.65 11.45 21.86
C VAL A 76 4.12 11.31 21.49
N GLU A 77 4.70 10.16 21.74
CA GLU A 77 6.10 9.96 21.39
C GLU A 77 6.14 9.38 19.99
N PRO A 78 7.29 9.47 19.32
CA PRO A 78 7.40 8.94 17.97
C PRO A 78 7.07 7.45 17.86
N GLU A 79 7.37 6.67 18.89
CA GLU A 79 7.12 5.24 18.88
C GLU A 79 5.64 4.91 18.72
N SER A 80 4.76 5.84 19.05
CA SER A 80 3.34 5.55 18.93
C SER A 80 2.74 5.92 17.56
N VAL A 81 3.61 6.22 16.60
CA VAL A 81 3.14 6.58 15.27
C VAL A 81 3.69 5.68 14.18
N VAL A 82 2.78 5.16 13.36
CA VAL A 82 3.13 4.28 12.25
C VAL A 82 2.58 4.88 10.95
N VAL A 83 3.46 5.13 10.00
CA VAL A 83 3.05 5.71 8.73
C VAL A 83 2.72 4.64 7.72
N THR A 84 1.49 4.69 7.24
CA THR A 84 0.97 3.73 6.28
C THR A 84 0.84 4.34 4.89
N SER A 85 0.60 3.48 3.91
CA SER A 85 0.40 3.92 2.54
C SER A 85 -1.05 4.38 2.39
N GLY A 86 -1.40 5.44 3.12
CA GLY A 86 -2.75 5.95 3.08
C GLY A 86 -3.59 5.50 4.26
N ALA A 87 -4.67 6.22 4.54
CA ALA A 87 -5.53 5.82 5.61
C ALA A 87 -6.19 4.50 5.21
N THR A 88 -6.21 4.22 3.91
CA THR A 88 -6.81 2.99 3.37
C THR A 88 -6.08 1.76 3.91
N GLU A 89 -4.75 1.82 3.88
CA GLU A 89 -3.93 0.73 4.36
C GLU A 89 -3.91 0.66 5.88
N ALA A 90 -4.25 1.77 6.52
CA ALA A 90 -4.26 1.85 7.97
C ALA A 90 -5.46 1.08 8.46
N LEU A 91 -6.58 1.31 7.79
CA LEU A 91 -7.84 0.68 8.13
C LEU A 91 -7.83 -0.82 7.82
N TYR A 92 -7.24 -1.21 6.70
CA TYR A 92 -7.19 -2.62 6.34
C TYR A 92 -6.33 -3.38 7.35
N VAL A 93 -5.11 -2.92 7.53
CA VAL A 93 -4.15 -3.52 8.45
C VAL A 93 -4.62 -3.45 9.91
N LEU A 94 -5.48 -2.50 10.23
CA LEU A 94 -5.98 -2.39 11.59
C LEU A 94 -6.92 -3.55 11.81
N LEU A 95 -8.07 -3.55 11.14
CA LEU A 95 -9.02 -4.65 11.26
C LEU A 95 -8.29 -5.99 11.22
N GLN A 96 -7.33 -6.10 10.32
CA GLN A 96 -6.57 -7.32 10.17
C GLN A 96 -5.90 -7.73 11.49
N SER A 97 -5.45 -6.75 12.28
CA SER A 97 -4.76 -7.04 13.55
C SER A 97 -5.68 -7.05 14.79
N LEU A 98 -6.97 -6.77 14.61
CA LEU A 98 -7.85 -6.71 15.77
C LEU A 98 -9.07 -7.64 15.77
N VAL A 99 -9.40 -8.23 14.63
CA VAL A 99 -10.54 -9.13 14.59
C VAL A 99 -10.23 -10.34 13.74
N GLY A 100 -11.12 -11.33 13.82
CA GLY A 100 -10.92 -12.55 13.06
C GLY A 100 -12.19 -13.38 13.05
N PRO A 101 -12.10 -14.65 12.64
CA PRO A 101 -13.27 -15.52 12.61
C PRO A 101 -13.89 -15.63 14.01
N GLY A 102 -15.21 -15.42 14.10
CA GLY A 102 -15.89 -15.49 15.39
C GLY A 102 -16.01 -14.15 16.11
N ASP A 103 -15.18 -13.19 15.70
CA ASP A 103 -15.18 -11.86 16.30
C ASP A 103 -16.19 -10.93 15.62
N GLU A 104 -16.79 -10.05 16.41
CA GLU A 104 -17.74 -9.08 15.87
C GLU A 104 -17.10 -7.68 15.93
N VAL A 105 -17.59 -6.78 15.06
CA VAL A 105 -17.08 -5.41 15.01
C VAL A 105 -18.26 -4.49 14.76
N VAL A 106 -18.47 -3.52 15.62
CA VAL A 106 -19.57 -2.60 15.39
C VAL A 106 -19.11 -1.57 14.35
N VAL A 107 -20.02 -1.24 13.44
CA VAL A 107 -19.74 -0.29 12.39
C VAL A 107 -20.98 0.54 12.22
N LEU A 108 -20.87 1.84 12.46
CA LEU A 108 -22.01 2.73 12.32
C LEU A 108 -22.41 2.81 10.86
N GLU A 109 -23.68 3.09 10.61
CA GLU A 109 -24.22 3.16 9.26
C GLU A 109 -25.04 4.44 9.11
N PRO A 110 -25.02 5.09 7.93
CA PRO A 110 -24.28 4.73 6.72
C PRO A 110 -22.79 4.74 7.02
N PHE A 111 -22.06 3.82 6.39
CA PHE A 111 -20.63 3.69 6.63
C PHE A 111 -19.73 4.09 5.45
N PHE A 112 -18.43 3.97 5.66
CA PHE A 112 -17.48 4.30 4.62
C PHE A 112 -17.07 3.04 3.87
N ASP A 113 -17.24 3.13 2.56
CA ASP A 113 -16.95 2.10 1.55
C ASP A 113 -15.90 1.02 1.84
N VAL A 114 -14.90 1.31 2.67
CA VAL A 114 -13.84 0.33 2.94
C VAL A 114 -14.00 -0.57 4.18
N TYR A 115 -14.83 -0.19 5.13
CA TYR A 115 -15.02 -0.97 6.34
C TYR A 115 -15.43 -2.44 6.15
N LEU A 116 -16.70 -2.68 5.82
CA LEU A 116 -17.20 -4.05 5.63
C LEU A 116 -16.24 -4.92 4.84
N PRO A 117 -15.78 -4.47 3.67
CA PRO A 117 -14.86 -5.29 2.88
C PRO A 117 -13.62 -5.66 3.69
N ASP A 118 -13.12 -4.70 4.46
CA ASP A 118 -11.95 -4.93 5.27
C ASP A 118 -12.27 -5.91 6.38
N ALA A 119 -13.45 -5.77 6.99
CA ALA A 119 -13.87 -6.67 8.06
C ALA A 119 -13.89 -8.10 7.51
N PHE A 120 -14.72 -8.31 6.49
CA PHE A 120 -14.87 -9.62 5.84
C PHE A 120 -13.53 -10.27 5.49
N LEU A 121 -12.57 -9.47 5.07
CA LEU A 121 -11.26 -10.01 4.70
C LEU A 121 -10.44 -10.39 5.93
N ALA A 122 -10.99 -10.13 7.10
CA ALA A 122 -10.30 -10.45 8.34
C ALA A 122 -11.03 -11.60 9.02
N GLY A 123 -12.30 -11.78 8.67
CA GLY A 123 -13.09 -12.85 9.25
C GLY A 123 -14.25 -12.34 10.08
N ALA A 124 -14.04 -11.22 10.77
CA ALA A 124 -15.08 -10.64 11.62
C ALA A 124 -16.43 -10.48 10.92
N LYS A 125 -17.41 -9.97 11.67
CA LYS A 125 -18.76 -9.77 11.16
C LYS A 125 -19.26 -8.36 11.46
N ALA A 126 -20.00 -7.78 10.53
CA ALA A 126 -20.52 -6.44 10.70
C ALA A 126 -21.76 -6.32 11.59
N ARG A 127 -21.65 -5.48 12.60
CA ARG A 127 -22.73 -5.23 13.54
C ARG A 127 -23.25 -3.83 13.25
N LEU A 128 -23.87 -3.65 12.09
CA LEU A 128 -24.38 -2.35 11.71
C LEU A 128 -25.28 -1.72 12.77
N VAL A 129 -25.24 -0.39 12.84
CA VAL A 129 -26.05 0.39 13.77
C VAL A 129 -26.51 1.64 13.02
N ARG A 130 -27.66 1.56 12.37
CA ARG A 130 -28.17 2.68 11.60
C ARG A 130 -28.58 3.94 12.36
N LEU A 131 -27.93 5.06 12.03
CA LEU A 131 -28.24 6.33 12.64
C LEU A 131 -29.62 6.79 12.16
N ASP A 132 -30.31 7.55 13.01
CA ASP A 132 -31.65 8.04 12.68
C ASP A 132 -31.59 9.27 11.78
N LEU A 133 -32.34 9.26 10.69
CA LEU A 133 -32.34 10.40 9.79
C LEU A 133 -33.49 11.37 10.10
N THR A 134 -33.52 11.89 11.32
CA THR A 134 -34.56 12.82 11.72
C THR A 134 -34.53 14.06 10.84
N PRO A 135 -35.67 14.77 10.74
CA PRO A 135 -35.78 15.98 9.92
C PRO A 135 -34.78 17.06 10.33
N GLU A 136 -33.89 16.71 11.25
CA GLU A 136 -32.88 17.63 11.73
C GLU A 136 -31.49 17.04 11.47
N GLY A 137 -31.42 16.08 10.56
CA GLY A 137 -30.15 15.44 10.26
C GLY A 137 -29.96 14.12 10.97
N PHE A 138 -28.82 13.49 10.73
CA PHE A 138 -28.52 12.20 11.34
C PHE A 138 -28.19 12.37 12.81
N ARG A 139 -28.23 11.26 13.55
CA ARG A 139 -27.90 11.28 14.97
C ARG A 139 -27.69 9.88 15.51
N LEU A 140 -26.72 9.75 16.40
CA LEU A 140 -26.40 8.47 17.00
C LEU A 140 -27.26 8.23 18.23
N ASP A 141 -27.96 7.10 18.25
CA ASP A 141 -28.80 6.74 19.38
C ASP A 141 -27.98 5.74 20.18
N LEU A 142 -27.41 6.21 21.29
CA LEU A 142 -26.57 5.38 22.13
C LEU A 142 -27.25 4.09 22.60
N SER A 143 -28.56 4.13 22.79
CA SER A 143 -29.30 2.95 23.24
C SER A 143 -29.17 1.86 22.19
N ALA A 144 -29.51 2.20 20.95
CA ALA A 144 -29.43 1.26 19.85
C ALA A 144 -27.98 0.82 19.67
N LEU A 145 -27.05 1.71 20.00
CA LEU A 145 -25.62 1.40 19.90
C LEU A 145 -25.32 0.34 20.95
N GLU A 146 -25.72 0.62 22.19
CA GLU A 146 -25.49 -0.28 23.32
C GLU A 146 -26.12 -1.67 23.14
N LYS A 147 -27.35 -1.69 22.65
CA LYS A 147 -28.07 -2.93 22.42
C LYS A 147 -27.37 -3.84 21.41
N ALA A 148 -26.26 -3.37 20.85
CA ALA A 148 -25.54 -4.12 19.84
C ALA A 148 -24.23 -4.79 20.28
N LEU A 149 -23.90 -4.71 21.56
CA LEU A 149 -22.66 -5.33 22.04
C LEU A 149 -22.86 -6.79 22.46
N THR A 150 -21.79 -7.57 22.43
CA THR A 150 -21.86 -8.99 22.79
C THR A 150 -20.49 -9.47 23.30
N PRO A 151 -20.40 -10.74 23.73
CA PRO A 151 -19.13 -11.28 24.22
C PRO A 151 -18.13 -11.52 23.09
N ARG A 152 -18.63 -11.47 21.86
CA ARG A 152 -17.77 -11.66 20.68
C ARG A 152 -17.13 -10.32 20.28
N THR A 153 -17.98 -9.30 20.17
CA THR A 153 -17.58 -7.94 19.82
C THR A 153 -16.18 -7.56 20.34
N ARG A 154 -15.19 -7.54 19.45
CA ARG A 154 -13.81 -7.20 19.82
C ARG A 154 -13.36 -5.79 19.44
N ALA A 155 -14.25 -5.01 18.82
CA ALA A 155 -13.90 -3.65 18.41
C ALA A 155 -15.06 -2.82 17.86
N LEU A 156 -14.91 -1.50 18.01
CA LEU A 156 -15.89 -0.53 17.54
C LEU A 156 -15.14 0.41 16.57
N LEU A 157 -15.67 0.58 15.37
CA LEU A 157 -15.05 1.44 14.36
C LEU A 157 -15.84 2.73 14.15
N LEU A 158 -15.22 3.86 14.52
CA LEU A 158 -15.85 5.18 14.39
C LEU A 158 -15.28 6.01 13.24
N ASN A 159 -16.04 7.02 12.83
CA ASN A 159 -15.61 7.91 11.76
C ASN A 159 -16.07 9.32 12.09
N THR A 160 -15.12 10.15 12.54
CA THR A 160 -15.46 11.53 12.88
C THR A 160 -14.36 12.55 12.55
N PRO A 161 -14.69 13.59 11.77
CA PRO A 161 -16.00 13.87 11.18
C PRO A 161 -16.43 12.71 10.30
N MET A 162 -17.73 12.52 10.16
CA MET A 162 -18.24 11.38 9.43
C MET A 162 -18.58 11.54 7.94
N ASN A 163 -18.08 10.59 7.18
CA ASN A 163 -18.30 10.51 5.75
C ASN A 163 -19.28 9.35 5.66
N PRO A 164 -20.42 9.53 4.98
CA PRO A 164 -20.96 10.67 4.23
C PRO A 164 -21.89 11.63 4.95
N THR A 165 -22.23 11.36 6.20
CA THR A 165 -23.18 12.21 6.93
C THR A 165 -22.74 13.64 7.26
N GLY A 166 -21.46 13.81 7.61
CA GLY A 166 -20.94 15.13 7.92
C GLY A 166 -21.11 15.47 9.40
N LEU A 167 -21.45 14.47 10.19
CA LEU A 167 -21.67 14.60 11.62
C LEU A 167 -20.37 14.73 12.41
N VAL A 168 -20.37 15.58 13.42
CA VAL A 168 -19.18 15.70 14.26
C VAL A 168 -19.59 15.24 15.66
N PHE A 169 -18.92 14.22 16.18
CA PHE A 169 -19.28 13.73 17.49
C PHE A 169 -18.96 14.73 18.59
N GLY A 170 -19.96 14.99 19.43
CA GLY A 170 -19.80 15.91 20.54
C GLY A 170 -19.21 15.25 21.77
N GLU A 171 -18.58 16.05 22.62
CA GLU A 171 -17.95 15.59 23.85
C GLU A 171 -18.75 14.54 24.64
N ARG A 172 -19.99 14.86 24.99
CA ARG A 172 -20.82 13.94 25.74
C ARG A 172 -20.94 12.60 25.03
N GLU A 173 -21.06 12.63 23.70
CA GLU A 173 -21.17 11.41 22.92
C GLU A 173 -19.90 10.56 22.96
N LEU A 174 -18.75 11.22 22.88
CA LEU A 174 -17.49 10.48 22.90
C LEU A 174 -17.36 9.80 24.24
N GLU A 175 -17.74 10.49 25.32
CA GLU A 175 -17.65 9.90 26.66
C GLU A 175 -18.38 8.57 26.64
N ALA A 176 -19.66 8.66 26.29
CA ALA A 176 -20.53 7.50 26.21
C ALA A 176 -19.87 6.34 25.49
N ILE A 177 -19.06 6.64 24.48
CA ILE A 177 -18.40 5.59 23.71
C ILE A 177 -17.14 5.08 24.39
N ALA A 178 -16.29 5.99 24.86
CA ALA A 178 -15.06 5.58 25.53
C ALA A 178 -15.47 4.74 26.73
N ARG A 179 -16.63 5.10 27.28
CA ARG A 179 -17.22 4.43 28.42
C ARG A 179 -17.58 3.00 28.03
N LEU A 180 -18.55 2.87 27.12
CA LEU A 180 -18.99 1.54 26.66
C LEU A 180 -17.77 0.72 26.29
N ALA A 181 -16.83 1.36 25.61
CA ALA A 181 -15.62 0.69 25.20
C ALA A 181 -15.04 -0.05 26.39
N ARG A 182 -14.70 0.69 27.44
CA ARG A 182 -14.11 0.13 28.65
C ARG A 182 -14.97 -0.96 29.31
N ALA A 183 -16.27 -0.69 29.42
CA ALA A 183 -17.21 -1.61 30.05
C ALA A 183 -17.13 -3.03 29.49
N HIS A 184 -16.96 -3.16 28.17
CA HIS A 184 -16.87 -4.47 27.55
C HIS A 184 -15.46 -4.76 27.04
N ASP A 185 -14.56 -3.83 27.35
CA ASP A 185 -13.16 -3.93 26.94
C ASP A 185 -12.96 -3.92 25.42
N LEU A 186 -13.86 -3.26 24.69
CA LEU A 186 -13.79 -3.18 23.24
C LEU A 186 -12.66 -2.28 22.71
N PHE A 187 -12.17 -2.59 21.51
CA PHE A 187 -11.13 -1.80 20.87
C PHE A 187 -11.77 -0.62 20.15
N LEU A 188 -11.02 0.46 20.02
CA LEU A 188 -11.56 1.64 19.36
C LEU A 188 -10.72 2.03 18.16
N ILE A 189 -11.37 2.12 17.00
CA ILE A 189 -10.72 2.52 15.75
C ILE A 189 -11.46 3.76 15.28
N SER A 190 -10.76 4.89 15.28
CA SER A 190 -11.36 6.15 14.87
C SER A 190 -10.78 6.69 13.56
N ASP A 191 -11.63 6.78 12.54
CA ASP A 191 -11.23 7.29 11.24
C ASP A 191 -11.45 8.79 11.34
N GLU A 192 -10.37 9.55 11.47
CA GLU A 192 -10.47 11.00 11.60
C GLU A 192 -9.64 11.71 10.53
N VAL A 193 -9.64 11.16 9.33
CA VAL A 193 -8.89 11.75 8.23
C VAL A 193 -9.29 13.21 8.04
N TYR A 194 -10.51 13.54 8.43
CA TYR A 194 -11.03 14.91 8.32
C TYR A 194 -10.89 15.67 9.64
N ASP A 195 -9.93 15.30 10.46
CA ASP A 195 -9.78 16.00 11.73
C ASP A 195 -9.68 17.53 11.66
N GLU A 196 -8.93 18.05 10.68
CA GLU A 196 -8.78 19.50 10.53
C GLU A 196 -9.89 20.14 9.68
N LEU A 197 -10.82 19.34 9.19
CA LEU A 197 -11.87 19.89 8.36
C LEU A 197 -13.25 19.87 9.01
N TYR A 198 -13.51 20.87 9.84
CA TYR A 198 -14.78 21.04 10.55
C TYR A 198 -15.22 22.50 10.45
N TYR A 199 -16.50 22.75 10.64
CA TYR A 199 -17.07 24.09 10.54
C TYR A 199 -17.63 24.70 11.82
N GLY A 200 -17.41 24.03 12.96
CA GLY A 200 -17.91 24.55 14.22
C GLY A 200 -16.78 24.68 15.23
N GLU A 201 -17.07 24.29 16.46
CA GLU A 201 -16.06 24.35 17.52
C GLU A 201 -15.04 23.30 17.12
N ARG A 202 -13.85 23.31 17.70
CA ARG A 202 -12.87 22.29 17.34
C ARG A 202 -13.30 21.02 18.06
N PRO A 203 -13.53 19.94 17.31
CA PRO A 203 -13.95 18.69 17.95
C PRO A 203 -12.91 18.17 18.91
N ARG A 204 -13.34 17.27 19.79
CA ARG A 204 -12.46 16.66 20.77
C ARG A 204 -12.17 15.25 20.28
N ARG A 205 -10.90 14.93 20.09
CA ARG A 205 -10.54 13.61 19.60
C ARG A 205 -11.12 12.54 20.53
N LEU A 206 -11.06 11.28 20.11
CA LEU A 206 -11.60 10.20 20.92
C LEU A 206 -10.52 9.57 21.81
N ARG A 207 -9.26 9.75 21.44
CA ARG A 207 -8.19 9.17 22.23
C ARG A 207 -8.06 9.87 23.58
N GLU A 208 -8.68 11.04 23.73
CA GLU A 208 -8.65 11.77 24.99
C GLU A 208 -9.35 10.94 26.06
N PHE A 209 -10.61 10.60 25.81
CA PHE A 209 -11.43 9.84 26.74
C PHE A 209 -11.00 8.39 26.99
N ALA A 210 -10.61 7.68 25.94
CA ALA A 210 -10.22 6.27 26.10
C ALA A 210 -8.86 5.93 25.49
N PRO A 211 -7.82 6.68 25.85
CA PRO A 211 -6.47 6.46 25.32
C PRO A 211 -5.95 5.04 25.20
N GLU A 212 -6.05 4.26 26.28
CA GLU A 212 -5.53 2.88 26.28
C GLU A 212 -6.06 1.96 25.16
N ARG A 213 -7.28 2.24 24.70
CA ARG A 213 -7.89 1.40 23.69
C ARG A 213 -8.21 2.11 22.35
N THR A 214 -7.72 3.33 22.15
CA THR A 214 -8.02 4.04 20.92
C THR A 214 -6.94 4.09 19.84
N PHE A 215 -7.36 3.82 18.61
CA PHE A 215 -6.50 3.86 17.43
C PHE A 215 -7.04 4.96 16.53
N THR A 216 -6.27 6.03 16.39
CA THR A 216 -6.68 7.17 15.57
C THR A 216 -6.04 7.18 14.18
N VAL A 217 -6.88 7.14 13.15
CA VAL A 217 -6.41 7.14 11.76
C VAL A 217 -6.52 8.49 11.07
N GLY A 218 -5.44 8.87 10.39
CA GLY A 218 -5.39 10.12 9.68
C GLY A 218 -4.80 9.98 8.29
N SER A 219 -4.99 11.00 7.47
CA SER A 219 -4.49 10.98 6.09
C SER A 219 -3.86 12.31 5.65
N ALA A 220 -2.68 12.22 5.05
CA ALA A 220 -2.01 13.43 4.58
C ALA A 220 -2.79 14.03 3.40
N GLY A 221 -3.21 13.15 2.48
CA GLY A 221 -3.96 13.56 1.31
C GLY A 221 -5.26 14.27 1.64
N LYS A 222 -5.87 13.95 2.78
CA LYS A 222 -7.13 14.60 3.17
C LYS A 222 -6.85 15.83 4.02
N ARG A 223 -5.60 16.01 4.41
CA ARG A 223 -5.18 17.15 5.20
C ARG A 223 -4.67 18.23 4.28
N LEU A 224 -3.84 17.80 3.34
CA LEU A 224 -3.18 18.71 2.40
C LEU A 224 -3.61 18.72 0.94
N GLU A 225 -4.86 18.36 0.67
CA GLU A 225 -5.39 18.37 -0.69
C GLU A 225 -4.52 17.60 -1.68
N ALA A 226 -3.92 16.51 -1.25
CA ALA A 226 -3.09 15.71 -2.14
C ALA A 226 -3.45 14.22 -1.99
N THR A 227 -4.70 13.89 -2.30
CA THR A 227 -5.19 12.52 -2.17
C THR A 227 -4.43 11.41 -2.91
N GLY A 228 -3.54 11.79 -3.83
CA GLY A 228 -2.80 10.78 -4.57
C GLY A 228 -1.43 10.46 -4.03
N TYR A 229 -1.06 11.03 -2.89
CA TYR A 229 0.27 10.78 -2.34
C TYR A 229 0.38 9.49 -1.52
N ARG A 230 -0.73 8.99 -1.01
CA ARG A 230 -0.75 7.72 -0.26
C ARG A 230 0.15 7.70 0.98
N VAL A 231 -0.07 8.66 1.87
CA VAL A 231 0.69 8.77 3.10
C VAL A 231 -0.35 8.95 4.18
N GLY A 232 -0.47 7.94 5.04
CA GLY A 232 -1.45 8.01 6.10
C GLY A 232 -0.79 7.68 7.42
N TRP A 233 -1.57 7.46 8.46
CA TRP A 233 -0.95 7.15 9.74
C TRP A 233 -1.88 6.59 10.80
N ILE A 234 -1.28 5.83 11.71
CA ILE A 234 -1.99 5.26 12.85
C ILE A 234 -1.33 5.80 14.11
N VAL A 235 -2.13 6.28 15.05
CA VAL A 235 -1.60 6.78 16.31
C VAL A 235 -2.37 6.08 17.43
N GLY A 236 -1.68 5.27 18.22
CA GLY A 236 -2.34 4.58 19.31
C GLY A 236 -1.34 4.04 20.32
N PRO A 237 -1.83 3.40 21.41
CA PRO A 237 -0.94 2.85 22.44
C PRO A 237 0.32 2.30 21.80
N LYS A 238 1.48 2.81 22.23
CA LYS A 238 2.78 2.42 21.66
C LYS A 238 3.16 0.95 21.76
N GLU A 239 2.48 0.21 22.63
CA GLU A 239 2.78 -1.21 22.82
C GLU A 239 2.38 -2.04 21.61
N PHE A 240 1.21 -1.72 21.04
CA PHE A 240 0.71 -2.45 19.88
C PHE A 240 1.36 -2.00 18.58
N MET A 241 1.72 -0.72 18.51
CA MET A 241 2.31 -0.13 17.32
C MET A 241 3.36 -0.95 16.61
N PRO A 242 4.30 -1.54 17.37
CA PRO A 242 5.35 -2.33 16.70
C PRO A 242 4.82 -3.47 15.82
N ARG A 243 3.68 -4.06 16.20
CA ARG A 243 3.10 -5.15 15.43
C ARG A 243 2.52 -4.60 14.13
N LEU A 244 1.76 -3.51 14.28
CA LEU A 244 1.15 -2.84 13.14
C LEU A 244 2.22 -2.49 12.11
N ALA A 245 3.36 -1.99 12.57
CA ALA A 245 4.44 -1.66 11.65
C ALA A 245 4.86 -2.95 10.97
N GLY A 246 4.61 -4.07 11.65
CA GLY A 246 4.96 -5.37 11.13
C GLY A 246 3.98 -5.77 10.05
N MET A 247 2.69 -5.60 10.33
CA MET A 247 1.66 -5.93 9.35
C MET A 247 1.80 -5.14 8.05
N ARG A 248 1.64 -3.82 8.12
CA ARG A 248 1.72 -2.96 6.94
C ARG A 248 2.99 -3.20 6.13
N GLN A 249 4.02 -3.74 6.78
CA GLN A 249 5.27 -4.00 6.08
C GLN A 249 5.21 -5.17 5.10
N TRP A 250 4.17 -6.00 5.22
CA TRP A 250 3.98 -7.13 4.32
C TRP A 250 3.03 -6.72 3.19
N THR A 251 2.14 -5.77 3.51
CA THR A 251 1.17 -5.27 2.55
C THR A 251 1.87 -4.44 1.49
N SER A 252 2.66 -3.45 1.91
CA SER A 252 3.38 -2.64 0.93
C SER A 252 4.77 -2.17 1.37
N PHE A 253 5.14 -2.52 2.60
CA PHE A 253 6.44 -2.19 3.20
C PHE A 253 6.48 -0.81 3.89
N SER A 254 6.59 0.25 3.09
CA SER A 254 6.54 1.62 3.63
C SER A 254 6.07 2.58 2.54
N ALA A 255 5.63 3.77 2.97
CA ALA A 255 5.11 4.78 2.07
C ALA A 255 6.18 5.42 1.23
N PRO A 256 5.79 6.12 0.14
CA PRO A 256 6.74 6.80 -0.77
C PRO A 256 7.62 7.74 0.04
N THR A 257 8.93 7.58 -0.12
CA THR A 257 9.87 8.39 0.67
C THR A 257 9.86 9.88 0.37
N PRO A 258 10.04 10.26 -0.90
CA PRO A 258 10.02 11.69 -1.18
C PRO A 258 8.69 12.33 -0.76
N LEU A 259 7.60 11.58 -0.81
CA LEU A 259 6.32 12.14 -0.40
C LEU A 259 6.26 12.20 1.14
N GLN A 260 6.87 11.22 1.79
CA GLN A 260 6.91 11.22 3.25
C GLN A 260 7.75 12.42 3.69
N ALA A 261 8.84 12.66 2.96
CA ALA A 261 9.72 13.79 3.27
C ALA A 261 8.96 15.11 3.15
N GLY A 262 8.29 15.33 2.02
CA GLY A 262 7.53 16.56 1.80
C GLY A 262 6.40 16.79 2.78
N VAL A 263 5.64 15.74 3.08
CA VAL A 263 4.55 15.88 4.02
C VAL A 263 5.10 16.26 5.38
N ALA A 264 6.26 15.71 5.73
CA ALA A 264 6.91 16.02 7.01
C ALA A 264 7.05 17.53 7.20
N GLU A 265 7.66 18.21 6.22
CA GLU A 265 7.82 19.65 6.30
C GLU A 265 6.47 20.33 6.26
N ALA A 266 5.62 19.90 5.33
CA ALA A 266 4.30 20.48 5.15
C ALA A 266 3.40 20.45 6.37
N LEU A 267 3.47 19.41 7.18
CA LEU A 267 2.61 19.36 8.36
C LEU A 267 2.95 20.44 9.39
N LYS A 268 4.26 20.70 9.56
CA LYS A 268 4.74 21.70 10.50
C LYS A 268 4.47 23.10 9.97
N LEU A 269 4.79 23.32 8.70
CA LEU A 269 4.53 24.60 8.08
C LEU A 269 3.05 24.90 8.21
N ALA A 270 2.22 23.99 7.72
CA ALA A 270 0.77 24.15 7.78
C ALA A 270 0.30 24.65 9.15
N ARG A 271 0.92 24.16 10.22
CA ARG A 271 0.55 24.57 11.58
C ARG A 271 1.04 25.98 11.92
N ARG A 272 2.08 26.42 11.23
CA ARG A 272 2.64 27.74 11.48
C ARG A 272 2.07 28.87 10.65
N GLU A 273 1.63 28.56 9.42
CA GLU A 273 1.06 29.58 8.54
C GLU A 273 -0.47 29.70 8.61
N GLY A 274 -1.12 28.91 9.46
CA GLY A 274 -2.57 28.99 9.56
C GLY A 274 -3.28 28.46 8.32
N PHE A 275 -2.66 27.48 7.66
CA PHE A 275 -3.23 26.88 6.46
C PHE A 275 -4.57 26.18 6.70
N TYR A 276 -4.69 25.45 7.81
CA TYR A 276 -5.93 24.72 8.13
C TYR A 276 -7.08 25.68 8.40
N GLU A 277 -6.75 26.85 8.93
CA GLU A 277 -7.78 27.84 9.24
C GLU A 277 -8.37 28.36 7.91
N ALA A 278 -7.51 28.70 6.95
CA ALA A 278 -7.95 29.21 5.65
C ALA A 278 -8.72 28.14 4.87
N LEU A 279 -8.22 26.91 4.93
CA LEU A 279 -8.86 25.81 4.23
C LEU A 279 -10.30 25.61 4.71
N ARG A 280 -10.50 25.64 6.02
CA ARG A 280 -11.82 25.49 6.60
C ARG A 280 -12.81 26.56 6.14
N GLU A 281 -12.33 27.80 6.05
CA GLU A 281 -13.18 28.89 5.63
C GLU A 281 -13.52 28.75 4.16
N GLY A 282 -12.55 28.28 3.38
CA GLY A 282 -12.78 28.10 1.96
C GLY A 282 -13.76 26.97 1.75
N TYR A 283 -13.80 26.06 2.70
CA TYR A 283 -14.75 24.97 2.57
C TYR A 283 -16.12 25.43 3.06
N ARG A 284 -16.16 26.20 4.14
CA ARG A 284 -17.46 26.66 4.63
C ARG A 284 -18.16 27.48 3.55
N ARG A 285 -17.39 28.29 2.85
CA ARG A 285 -17.96 29.13 1.80
C ARG A 285 -18.61 28.28 0.73
N ARG A 286 -17.93 27.22 0.29
CA ARG A 286 -18.49 26.37 -0.76
C ARG A 286 -19.61 25.48 -0.22
N ARG A 287 -19.56 25.18 1.08
CA ARG A 287 -20.60 24.37 1.68
C ARG A 287 -21.91 25.14 1.62
N ASP A 288 -21.87 26.39 2.09
CA ASP A 288 -23.05 27.22 2.11
C ASP A 288 -23.60 27.49 0.71
N LEU A 289 -22.71 27.63 -0.26
CA LEU A 289 -23.10 27.88 -1.65
C LEU A 289 -23.93 26.73 -2.20
N LEU A 290 -23.40 25.51 -2.11
CA LEU A 290 -24.08 24.32 -2.60
C LEU A 290 -25.40 24.13 -1.86
N ALA A 291 -25.31 23.95 -0.53
CA ALA A 291 -26.48 23.76 0.30
C ALA A 291 -27.49 24.87 0.09
N GLY A 292 -27.00 26.09 -0.08
CA GLY A 292 -27.90 27.20 -0.28
C GLY A 292 -28.60 27.14 -1.61
N GLY A 293 -27.85 26.78 -2.65
CA GLY A 293 -28.40 26.70 -3.99
C GLY A 293 -29.36 25.53 -4.14
N LEU A 294 -29.15 24.49 -3.36
CA LEU A 294 -30.05 23.34 -3.42
C LEU A 294 -31.33 23.73 -2.67
N ARG A 295 -31.17 24.40 -1.54
CA ARG A 295 -32.30 24.87 -0.73
C ARG A 295 -33.28 25.58 -1.65
N ALA A 296 -32.76 26.51 -2.46
CA ALA A 296 -33.59 27.29 -3.38
C ALA A 296 -34.38 26.40 -4.35
N MET A 297 -33.97 25.15 -4.46
CA MET A 297 -34.63 24.17 -5.31
C MET A 297 -35.54 23.31 -4.43
N GLY A 298 -36.07 23.91 -3.38
CA GLY A 298 -36.95 23.19 -2.47
C GLY A 298 -36.55 21.76 -2.14
N LEU A 299 -35.25 21.49 -2.08
CA LEU A 299 -34.80 20.15 -1.75
C LEU A 299 -34.46 20.08 -0.27
N ARG A 300 -34.45 18.88 0.29
CA ARG A 300 -34.10 18.72 1.69
C ARG A 300 -32.58 18.57 1.72
N VAL A 301 -31.91 19.43 2.48
CA VAL A 301 -30.45 19.40 2.58
C VAL A 301 -30.02 19.28 4.03
N TYR A 302 -29.10 18.36 4.30
CA TYR A 302 -28.59 18.16 5.65
C TYR A 302 -27.16 18.72 5.80
N VAL A 303 -27.08 19.99 6.15
CA VAL A 303 -25.80 20.67 6.34
C VAL A 303 -24.86 19.92 7.26
N PRO A 304 -23.62 19.68 6.81
CA PRO A 304 -22.60 18.98 7.58
C PRO A 304 -21.82 19.88 8.52
N GLU A 305 -21.16 19.29 9.52
CA GLU A 305 -20.36 20.05 10.47
C GLU A 305 -18.89 19.80 10.16
N GLY A 306 -18.62 18.79 9.34
CA GLY A 306 -17.26 18.46 8.97
C GLY A 306 -17.19 17.81 7.61
N THR A 307 -15.96 17.57 7.13
CA THR A 307 -15.67 16.95 5.83
C THR A 307 -16.21 17.81 4.70
N TYR A 308 -15.84 17.47 3.47
CA TYR A 308 -16.33 18.24 2.34
C TYR A 308 -17.39 17.49 1.53
N PHE A 309 -18.25 16.79 2.27
CA PHE A 309 -19.37 16.02 1.69
C PHE A 309 -20.63 16.55 2.35
N LEU A 310 -21.73 16.45 1.64
CA LEU A 310 -23.01 16.89 2.14
C LEU A 310 -24.09 15.97 1.56
N MET A 311 -25.18 15.79 2.29
CA MET A 311 -26.24 14.91 1.82
C MET A 311 -27.56 15.61 1.59
N ALA A 312 -28.15 15.35 0.42
CA ALA A 312 -29.42 15.95 0.04
C ALA A 312 -30.33 14.87 -0.52
N GLU A 313 -31.62 15.19 -0.61
CA GLU A 313 -32.59 14.24 -1.12
C GLU A 313 -33.20 14.78 -2.40
N LEU A 314 -33.02 14.05 -3.50
CA LEU A 314 -33.58 14.44 -4.79
C LEU A 314 -34.70 13.46 -5.12
N PRO A 315 -35.96 13.92 -5.02
CA PRO A 315 -37.16 13.11 -5.30
C PRO A 315 -37.29 12.45 -6.68
N GLY A 316 -37.29 11.12 -6.68
CA GLY A 316 -37.48 10.38 -7.92
C GLY A 316 -36.36 10.33 -8.93
N TRP A 317 -35.15 10.04 -8.46
CA TRP A 317 -33.99 9.94 -9.34
C TRP A 317 -33.03 8.89 -8.78
N ASP A 318 -32.09 8.47 -9.62
CA ASP A 318 -31.08 7.53 -9.20
C ASP A 318 -29.78 7.90 -9.94
N ALA A 319 -28.67 7.81 -9.23
CA ALA A 319 -27.36 8.16 -9.78
C ALA A 319 -27.17 7.99 -11.28
N PHE A 320 -27.31 6.77 -11.77
CA PHE A 320 -27.08 6.52 -13.19
C PHE A 320 -27.98 7.28 -14.17
N ARG A 321 -29.18 7.65 -13.76
CA ARG A 321 -30.04 8.40 -14.67
C ARG A 321 -29.68 9.88 -14.59
N LEU A 322 -29.30 10.30 -13.39
CA LEU A 322 -28.91 11.68 -13.13
C LEU A 322 -27.63 12.04 -13.89
N VAL A 323 -26.66 11.14 -13.87
CA VAL A 323 -25.40 11.40 -14.55
C VAL A 323 -25.58 11.53 -16.06
N GLU A 324 -26.46 10.73 -16.65
CA GLU A 324 -26.69 10.77 -18.09
C GLU A 324 -27.58 11.90 -18.55
N GLU A 325 -28.68 12.11 -17.84
CA GLU A 325 -29.65 13.14 -18.23
C GLU A 325 -29.39 14.56 -17.72
N ALA A 326 -28.80 14.68 -16.53
CA ALA A 326 -28.51 16.01 -15.98
C ALA A 326 -27.03 16.37 -16.12
N ARG A 327 -26.21 15.40 -16.54
CA ARG A 327 -24.78 15.61 -16.69
C ARG A 327 -24.09 16.00 -15.37
N VAL A 328 -24.60 15.46 -14.26
CA VAL A 328 -24.05 15.70 -12.93
C VAL A 328 -23.88 14.34 -12.25
N ALA A 329 -22.70 14.06 -11.70
CA ALA A 329 -22.46 12.78 -11.05
C ALA A 329 -22.56 12.90 -9.55
N LEU A 330 -23.11 11.87 -8.91
CA LEU A 330 -23.29 11.85 -7.46
C LEU A 330 -23.19 10.41 -6.97
N ILE A 331 -22.99 10.22 -5.67
CA ILE A 331 -22.90 8.89 -5.10
C ILE A 331 -24.24 8.62 -4.41
N PRO A 332 -24.94 7.55 -4.85
CA PRO A 332 -26.24 7.14 -4.30
C PRO A 332 -26.12 6.58 -2.88
N ALA A 333 -27.04 6.99 -2.01
CA ALA A 333 -27.06 6.54 -0.62
C ALA A 333 -26.86 5.03 -0.49
N SER A 334 -27.44 4.27 -1.41
CA SER A 334 -27.32 2.82 -1.39
C SER A 334 -25.87 2.33 -1.39
N ALA A 335 -24.93 3.25 -1.43
CA ALA A 335 -23.50 2.90 -1.44
C ALA A 335 -22.97 2.87 -0.02
N PHE A 336 -23.74 3.47 0.88
CA PHE A 336 -23.34 3.56 2.28
C PHE A 336 -24.20 2.66 3.18
N TYR A 337 -25.41 2.37 2.74
CA TYR A 337 -26.32 1.51 3.49
C TYR A 337 -26.28 0.07 2.96
N LEU A 338 -26.13 -0.90 3.87
CA LEU A 338 -26.08 -2.31 3.47
C LEU A 338 -27.46 -2.89 3.10
N GLU A 339 -28.52 -2.23 3.56
CA GLU A 339 -29.90 -2.65 3.29
C GLU A 339 -30.90 -1.51 3.45
N ASP A 340 -31.89 -1.44 2.57
CA ASP A 340 -32.93 -0.41 2.61
C ASP A 340 -32.41 1.00 2.83
N PRO A 341 -31.76 1.58 1.82
CA PRO A 341 -31.22 2.94 1.94
C PRO A 341 -32.27 4.02 1.68
N PRO A 342 -32.38 5.01 2.58
CA PRO A 342 -33.36 6.09 2.41
C PRO A 342 -33.50 6.50 0.95
N LYS A 343 -34.51 5.97 0.28
CA LYS A 343 -34.74 6.28 -1.13
C LYS A 343 -34.58 7.76 -1.44
N ASP A 344 -33.80 8.04 -2.48
CA ASP A 344 -33.57 9.39 -2.96
C ASP A 344 -32.56 10.24 -2.18
N LEU A 345 -31.66 9.56 -1.47
CA LEU A 345 -30.63 10.24 -0.69
C LEU A 345 -29.30 10.15 -1.43
N PHE A 346 -28.78 11.29 -1.87
CA PHE A 346 -27.52 11.33 -2.60
C PHE A 346 -26.44 12.10 -1.85
N ARG A 347 -25.19 11.79 -2.14
CA ARG A 347 -24.08 12.49 -1.49
C ARG A 347 -23.40 13.39 -2.51
N PHE A 348 -23.22 14.66 -2.13
CA PHE A 348 -22.58 15.67 -2.96
C PHE A 348 -21.17 15.93 -2.41
N ALA A 349 -20.23 16.22 -3.30
CA ALA A 349 -18.87 16.55 -2.88
C ALA A 349 -18.69 18.00 -3.28
N PHE A 350 -18.23 18.85 -2.37
CA PHE A 350 -18.04 20.25 -2.74
C PHE A 350 -16.59 20.71 -2.65
N CYS A 351 -15.66 19.78 -2.81
CA CYS A 351 -14.24 20.12 -2.80
C CYS A 351 -13.91 20.41 -4.26
N LYS A 352 -14.79 21.17 -4.90
CA LYS A 352 -14.63 21.51 -6.30
C LYS A 352 -14.52 23.03 -6.42
N THR A 353 -14.34 23.54 -7.63
CA THR A 353 -14.25 24.99 -7.80
C THR A 353 -15.66 25.57 -7.75
N GLU A 354 -15.75 26.84 -7.39
CA GLU A 354 -17.05 27.48 -7.33
C GLU A 354 -17.77 27.34 -8.67
N GLU A 355 -17.05 27.46 -9.78
CA GLU A 355 -17.69 27.33 -11.08
C GLU A 355 -18.26 25.94 -11.36
N GLU A 356 -17.67 24.90 -10.79
CA GLU A 356 -18.18 23.53 -10.99
C GLU A 356 -19.46 23.33 -10.17
N LEU A 357 -19.47 23.89 -8.96
CA LEU A 357 -20.62 23.78 -8.11
C LEU A 357 -21.80 24.52 -8.75
N HIS A 358 -21.55 25.69 -9.31
CA HIS A 358 -22.61 26.45 -9.97
C HIS A 358 -23.11 25.73 -11.20
N LEU A 359 -22.20 25.11 -11.93
CA LEU A 359 -22.58 24.39 -13.13
C LEU A 359 -23.54 23.28 -12.72
N ALA A 360 -23.20 22.56 -11.64
CA ALA A 360 -24.04 21.48 -11.16
C ALA A 360 -25.41 22.03 -10.72
N LEU A 361 -25.38 23.17 -10.03
CA LEU A 361 -26.59 23.81 -9.55
C LEU A 361 -27.51 24.20 -10.69
N GLU A 362 -26.94 24.66 -11.79
CA GLU A 362 -27.72 25.08 -12.95
C GLU A 362 -28.28 23.88 -13.69
N ARG A 363 -27.46 22.87 -13.90
CA ARG A 363 -27.89 21.68 -14.60
C ARG A 363 -28.99 20.98 -13.78
N LEU A 364 -28.78 20.80 -12.49
CA LEU A 364 -29.80 20.16 -11.65
C LEU A 364 -31.05 21.04 -11.64
N GLY A 365 -30.84 22.35 -11.69
CA GLY A 365 -31.94 23.27 -11.70
C GLY A 365 -32.95 22.94 -12.80
N ARG A 366 -32.61 23.25 -14.04
CA ARG A 366 -33.50 23.01 -15.18
C ARG A 366 -33.91 21.56 -15.40
N VAL A 367 -33.82 20.76 -14.34
CA VAL A 367 -34.22 19.36 -14.39
C VAL A 367 -35.05 19.15 -13.12
N VAL A 368 -35.89 20.14 -12.84
CA VAL A 368 -36.80 20.25 -11.70
C VAL A 368 -37.21 18.97 -10.95
N MET B 1 -7.73 -7.24 26.54
CA MET B 1 -7.63 -6.92 25.09
C MET B 1 -6.24 -7.24 24.50
N ARG B 2 -6.22 -8.11 23.49
CA ARG B 2 -4.97 -8.48 22.84
C ARG B 2 -5.16 -8.48 21.32
N LEU B 3 -4.08 -8.24 20.60
CA LEU B 3 -4.12 -8.22 19.15
C LEU B 3 -4.40 -9.63 18.63
N HIS B 4 -5.23 -9.70 17.58
CA HIS B 4 -5.58 -10.98 16.97
C HIS B 4 -4.32 -11.79 16.74
N PRO B 5 -4.37 -13.10 17.01
CA PRO B 5 -3.25 -14.03 16.84
C PRO B 5 -2.53 -13.93 15.51
N ARG B 6 -3.28 -13.66 14.45
CA ARG B 6 -2.71 -13.53 13.11
C ARG B 6 -1.36 -12.79 13.09
N THR B 7 -1.25 -11.77 13.93
CA THR B 7 -0.05 -10.96 14.04
C THR B 7 1.23 -11.72 14.37
N GLU B 8 1.16 -13.04 14.46
CA GLU B 8 2.33 -13.84 14.77
C GLU B 8 3.43 -13.48 13.79
N ALA B 9 3.04 -13.29 12.54
CA ALA B 9 3.99 -12.97 11.47
C ALA B 9 4.43 -11.52 11.48
N ALA B 10 3.57 -10.64 12.02
CA ALA B 10 3.84 -9.21 12.06
C ALA B 10 5.06 -8.89 12.89
N LYS B 11 6.16 -9.52 12.55
CA LYS B 11 7.42 -9.33 13.25
C LYS B 11 8.34 -8.53 12.35
N GLU B 12 8.97 -7.50 12.90
CA GLU B 12 9.86 -6.65 12.13
C GLU B 12 10.77 -7.47 11.23
N SER B 13 10.90 -7.03 9.98
CA SER B 13 11.74 -7.73 9.03
C SER B 13 13.20 -7.41 9.33
N ILE B 14 14.08 -8.34 9.00
CA ILE B 14 15.50 -8.20 9.26
C ILE B 14 16.10 -6.98 8.55
N PHE B 15 15.92 -6.89 7.24
CA PHE B 15 16.47 -5.81 6.40
C PHE B 15 16.37 -4.36 6.91
N PRO B 16 15.18 -3.93 7.35
CA PRO B 16 15.14 -2.55 7.82
C PRO B 16 15.76 -2.45 9.22
N ARG B 17 15.74 -3.57 9.96
CA ARG B 17 16.30 -3.59 11.31
C ARG B 17 17.82 -3.61 11.29
N MET B 18 18.41 -4.18 10.23
CA MET B 18 19.86 -4.23 10.12
C MET B 18 20.40 -2.92 9.57
N SER B 19 19.58 -2.22 8.80
CA SER B 19 20.00 -0.95 8.23
C SER B 19 20.02 0.09 9.36
N GLY B 20 19.14 -0.09 10.32
CA GLY B 20 19.10 0.82 11.46
C GLY B 20 20.30 0.58 12.35
N LEU B 21 20.68 -0.69 12.48
CA LEU B 21 21.81 -1.07 13.30
C LEU B 21 23.10 -0.64 12.60
N ALA B 22 23.19 -0.91 11.30
CA ALA B 22 24.36 -0.53 10.51
C ALA B 22 24.56 0.96 10.63
N GLN B 23 23.53 1.71 10.28
CA GLN B 23 23.59 3.16 10.32
C GLN B 23 24.03 3.66 11.69
N ARG B 24 23.26 3.28 12.70
CA ARG B 24 23.51 3.67 14.07
C ARG B 24 24.94 3.36 14.51
N LEU B 25 25.51 2.28 13.99
CA LEU B 25 26.86 1.83 14.34
C LEU B 25 27.97 2.39 13.45
N GLY B 26 27.62 3.19 12.45
CA GLY B 26 28.63 3.75 11.56
C GLY B 26 29.21 2.70 10.62
N ALA B 27 28.45 1.62 10.40
CA ALA B 27 28.88 0.52 9.54
C ALA B 27 28.37 0.65 8.09
N VAL B 28 29.17 0.16 7.14
CA VAL B 28 28.80 0.18 5.72
C VAL B 28 27.59 -0.76 5.60
N ASN B 29 26.51 -0.28 5.00
CA ASN B 29 25.30 -1.09 4.89
C ASN B 29 25.14 -1.90 3.60
N LEU B 30 25.92 -2.97 3.46
CA LEU B 30 25.80 -3.82 2.27
C LEU B 30 24.78 -4.90 2.57
N GLY B 31 23.77 -4.54 3.35
CA GLY B 31 22.73 -5.49 3.68
C GLY B 31 21.57 -5.17 2.76
N GLN B 32 20.55 -4.52 3.32
CA GLN B 32 19.37 -4.12 2.57
C GLN B 32 19.77 -3.49 1.23
N GLY B 33 19.23 -4.02 0.15
CA GLY B 33 19.57 -3.52 -1.16
C GLY B 33 18.86 -2.27 -1.67
N PHE B 34 19.58 -1.16 -1.71
CA PHE B 34 19.05 0.09 -2.25
C PHE B 34 20.25 0.89 -2.73
N PRO B 35 20.22 1.34 -3.99
CA PRO B 35 21.31 2.11 -4.60
C PRO B 35 21.78 3.30 -3.78
N SER B 36 23.07 3.59 -3.87
CA SER B 36 23.66 4.72 -3.16
C SER B 36 23.47 6.00 -3.95
N ASN B 37 23.21 5.85 -5.24
CA ASN B 37 23.02 7.00 -6.12
C ASN B 37 21.53 7.30 -6.25
N PRO B 38 21.19 8.48 -6.80
CA PRO B 38 19.79 8.86 -6.98
C PRO B 38 19.28 8.34 -8.32
N PRO B 39 17.95 8.25 -8.49
CA PRO B 39 17.41 7.75 -9.75
C PRO B 39 17.87 8.59 -10.95
N PRO B 40 17.75 8.03 -12.17
CA PRO B 40 18.17 8.78 -13.36
C PRO B 40 17.46 10.11 -13.53
N PRO B 41 18.11 11.06 -14.21
CA PRO B 41 17.56 12.40 -14.44
C PRO B 41 16.21 12.45 -15.15
N PHE B 42 15.97 11.53 -16.08
CA PHE B 42 14.71 11.54 -16.80
C PHE B 42 13.53 11.09 -15.95
N LEU B 43 13.79 10.45 -14.82
CA LEU B 43 12.72 10.02 -13.94
C LEU B 43 12.37 11.14 -12.96
N LEU B 44 13.37 11.88 -12.50
CA LEU B 44 13.13 12.98 -11.57
C LEU B 44 12.46 14.12 -12.32
N GLU B 45 12.89 14.34 -13.55
CA GLU B 45 12.31 15.42 -14.36
C GLU B 45 10.84 15.17 -14.59
N ALA B 46 10.51 13.94 -14.97
CA ALA B 46 9.15 13.56 -15.24
C ALA B 46 8.26 13.64 -13.99
N VAL B 47 8.78 13.30 -12.82
CA VAL B 47 7.97 13.40 -11.61
C VAL B 47 7.67 14.86 -11.35
N ARG B 48 8.71 15.69 -11.45
CA ARG B 48 8.60 17.14 -11.26
C ARG B 48 7.52 17.73 -12.14
N ARG B 49 7.41 17.26 -13.37
CA ARG B 49 6.40 17.78 -14.27
C ARG B 49 4.99 17.39 -13.83
N ALA B 50 4.90 16.35 -12.99
CA ALA B 50 3.61 15.86 -12.52
C ALA B 50 3.15 16.57 -11.27
N LEU B 51 4.09 16.98 -10.43
CA LEU B 51 3.67 17.65 -9.21
C LEU B 51 2.90 18.89 -9.61
N GLY B 52 1.78 19.14 -8.94
CA GLY B 52 0.98 20.30 -9.28
C GLY B 52 -0.10 19.99 -10.31
N ARG B 53 0.08 18.92 -11.07
CA ARG B 53 -0.89 18.53 -12.09
C ARG B 53 -1.60 17.20 -11.85
N GLN B 54 -0.89 16.23 -11.27
CA GLN B 54 -1.46 14.91 -11.03
C GLN B 54 -1.19 14.44 -9.60
N ASP B 55 -1.85 15.07 -8.64
CA ASP B 55 -1.66 14.77 -7.23
C ASP B 55 -2.85 14.08 -6.59
N GLN B 56 -3.96 13.96 -7.31
CA GLN B 56 -5.14 13.33 -6.72
C GLN B 56 -5.25 11.85 -7.07
N TYR B 57 -6.28 11.20 -6.52
CA TYR B 57 -6.52 9.77 -6.73
C TYR B 57 -6.44 9.31 -8.16
N ALA B 58 -5.71 8.23 -8.37
CA ALA B 58 -5.60 7.62 -9.67
C ALA B 58 -6.56 6.44 -9.53
N PRO B 59 -6.83 5.72 -10.61
CA PRO B 59 -7.74 4.56 -10.52
C PRO B 59 -7.00 3.37 -9.87
N PRO B 60 -7.71 2.57 -9.07
CA PRO B 60 -7.07 1.41 -8.41
C PRO B 60 -6.19 0.58 -9.35
N ALA B 61 -6.69 0.29 -10.55
CA ALA B 61 -5.92 -0.49 -11.52
C ALA B 61 -4.66 0.25 -11.96
N GLY B 62 -4.68 1.58 -11.85
CA GLY B 62 -3.52 2.39 -12.21
C GLY B 62 -3.81 3.48 -13.23
N LEU B 63 -2.85 4.39 -13.42
CA LEU B 63 -3.01 5.47 -14.39
C LEU B 63 -2.95 4.93 -15.81
N PRO B 64 -3.96 5.25 -16.62
CA PRO B 64 -3.98 4.78 -18.00
C PRO B 64 -2.59 4.78 -18.67
N ALA B 65 -1.86 5.87 -18.55
CA ALA B 65 -0.53 5.97 -19.17
C ALA B 65 0.43 4.88 -18.74
N LEU B 66 0.47 4.62 -17.44
CA LEU B 66 1.35 3.60 -16.89
C LEU B 66 0.95 2.22 -17.38
N ARG B 67 -0.34 1.89 -17.27
CA ARG B 67 -0.84 0.59 -17.70
C ARG B 67 -0.51 0.37 -19.17
N GLU B 68 -0.56 1.45 -19.94
CA GLU B 68 -0.26 1.37 -21.37
C GLU B 68 1.23 1.28 -21.61
N ALA B 69 2.02 1.94 -20.78
CA ALA B 69 3.47 1.86 -20.94
C ALA B 69 3.88 0.40 -20.70
N LEU B 70 3.38 -0.20 -19.61
CA LEU B 70 3.68 -1.58 -19.28
C LEU B 70 3.11 -2.52 -20.34
N ALA B 71 1.90 -2.24 -20.80
CA ALA B 71 1.26 -3.05 -21.82
C ALA B 71 2.14 -3.25 -23.05
N GLU B 72 2.90 -2.21 -23.42
CA GLU B 72 3.79 -2.26 -24.58
C GLU B 72 5.06 -3.07 -24.33
N GLU B 73 5.65 -2.91 -23.16
CA GLU B 73 6.86 -3.65 -22.84
C GLU B 73 6.61 -5.16 -22.82
N PHE B 74 5.44 -5.54 -22.33
CA PHE B 74 5.07 -6.95 -22.21
C PHE B 74 4.25 -7.55 -23.36
N ALA B 75 4.00 -6.77 -24.40
CA ALA B 75 3.23 -7.25 -25.56
C ALA B 75 1.81 -7.74 -25.21
N VAL B 76 1.14 -7.06 -24.30
CA VAL B 76 -0.21 -7.45 -23.91
C VAL B 76 -1.10 -6.23 -23.95
N GLU B 77 -2.33 -6.35 -23.50
CA GLU B 77 -3.23 -5.21 -23.51
C GLU B 77 -3.33 -4.64 -22.11
N PRO B 78 -3.65 -3.34 -22.01
CA PRO B 78 -3.77 -2.65 -20.72
C PRO B 78 -4.57 -3.38 -19.65
N GLU B 79 -5.67 -4.02 -20.03
CA GLU B 79 -6.52 -4.72 -19.08
C GLU B 79 -5.82 -5.86 -18.37
N SER B 80 -4.68 -6.30 -18.87
CA SER B 80 -4.01 -7.38 -18.19
C SER B 80 -2.87 -6.83 -17.36
N VAL B 81 -2.96 -5.54 -17.03
CA VAL B 81 -1.93 -4.91 -16.21
C VAL B 81 -2.59 -4.17 -15.06
N VAL B 82 -2.08 -4.42 -13.86
CA VAL B 82 -2.58 -3.78 -12.64
C VAL B 82 -1.40 -3.28 -11.84
N VAL B 83 -1.37 -1.97 -11.62
CA VAL B 83 -0.28 -1.30 -10.89
C VAL B 83 -0.47 -1.41 -9.38
N THR B 84 0.60 -1.73 -8.68
CA THR B 84 0.55 -1.92 -7.24
C THR B 84 1.55 -1.04 -6.52
N SER B 85 1.30 -0.83 -5.22
CA SER B 85 2.16 -0.04 -4.36
C SER B 85 3.45 -0.82 -4.09
N GLY B 86 4.25 -0.98 -5.13
CA GLY B 86 5.47 -1.75 -5.01
C GLY B 86 5.18 -3.22 -5.29
N ALA B 87 6.22 -3.97 -5.61
CA ALA B 87 6.04 -5.40 -5.87
C ALA B 87 5.53 -6.10 -4.62
N THR B 88 6.01 -5.64 -3.45
CA THR B 88 5.60 -6.21 -2.17
C THR B 88 4.10 -6.30 -2.11
N GLU B 89 3.42 -5.31 -2.66
CA GLU B 89 1.97 -5.37 -2.62
C GLU B 89 1.47 -6.32 -3.69
N ALA B 90 2.27 -6.52 -4.73
CA ALA B 90 1.87 -7.43 -5.80
C ALA B 90 1.73 -8.80 -5.13
N LEU B 91 2.82 -9.25 -4.54
CA LEU B 91 2.90 -10.51 -3.84
C LEU B 91 1.78 -10.66 -2.81
N TYR B 92 1.72 -9.77 -1.84
CA TYR B 92 0.67 -9.88 -0.84
C TYR B 92 -0.69 -10.12 -1.48
N VAL B 93 -1.17 -9.15 -2.25
CA VAL B 93 -2.47 -9.24 -2.93
C VAL B 93 -2.63 -10.55 -3.72
N LEU B 94 -1.57 -10.95 -4.42
CA LEU B 94 -1.54 -12.16 -5.23
C LEU B 94 -1.86 -13.43 -4.42
N LEU B 95 -0.98 -13.78 -3.48
CA LEU B 95 -1.17 -14.97 -2.64
C LEU B 95 -2.51 -14.90 -1.92
N GLN B 96 -2.96 -13.70 -1.64
CA GLN B 96 -4.23 -13.54 -0.94
C GLN B 96 -5.40 -13.83 -1.88
N SER B 97 -5.12 -13.91 -3.17
CA SER B 97 -6.17 -14.15 -4.18
C SER B 97 -6.25 -15.57 -4.73
N LEU B 98 -5.16 -16.32 -4.63
CA LEU B 98 -5.13 -17.68 -5.16
C LEU B 98 -5.19 -18.81 -4.11
N VAL B 99 -4.90 -18.50 -2.84
CA VAL B 99 -4.88 -19.54 -1.81
C VAL B 99 -5.43 -19.12 -0.44
N GLY B 100 -6.15 -20.04 0.19
CA GLY B 100 -6.72 -19.77 1.50
C GLY B 100 -6.69 -20.98 2.43
N PRO B 101 -7.66 -21.10 3.34
CA PRO B 101 -7.71 -22.25 4.26
C PRO B 101 -7.85 -23.57 3.50
N GLY B 102 -6.82 -24.42 3.55
CA GLY B 102 -6.89 -25.69 2.87
C GLY B 102 -5.97 -25.83 1.67
N ASP B 103 -5.53 -24.70 1.12
CA ASP B 103 -4.66 -24.73 -0.05
C ASP B 103 -3.18 -24.77 0.37
N GLU B 104 -2.31 -25.13 -0.57
CA GLU B 104 -0.87 -25.19 -0.31
C GLU B 104 -0.16 -24.41 -1.42
N VAL B 105 1.00 -23.87 -1.10
CA VAL B 105 1.77 -23.11 -2.08
C VAL B 105 3.22 -23.52 -2.06
N VAL B 106 3.71 -24.02 -3.18
CA VAL B 106 5.09 -24.43 -3.29
C VAL B 106 5.93 -23.16 -3.34
N VAL B 107 7.08 -23.19 -2.68
CA VAL B 107 8.00 -22.05 -2.64
C VAL B 107 9.42 -22.60 -2.67
N LEU B 108 10.31 -21.98 -3.43
CA LEU B 108 11.69 -22.44 -3.45
C LEU B 108 12.42 -21.89 -2.24
N GLU B 109 13.64 -22.38 -2.01
CA GLU B 109 14.47 -21.98 -0.88
C GLU B 109 15.94 -21.94 -1.30
N PRO B 110 16.71 -20.92 -0.88
CA PRO B 110 16.34 -19.77 -0.02
C PRO B 110 15.19 -18.92 -0.57
N PHE B 111 14.49 -18.20 0.30
CA PHE B 111 13.41 -17.35 -0.16
C PHE B 111 13.54 -15.88 0.28
N PHE B 112 12.59 -15.07 -0.22
CA PHE B 112 12.50 -13.64 0.06
C PHE B 112 11.58 -13.55 1.28
N ASP B 113 12.02 -12.87 2.33
CA ASP B 113 11.24 -12.84 3.58
C ASP B 113 9.76 -12.50 3.53
N VAL B 114 9.26 -12.11 2.36
CA VAL B 114 7.86 -11.75 2.20
C VAL B 114 6.98 -12.98 1.86
N TYR B 115 7.59 -13.96 1.19
CA TYR B 115 6.89 -15.16 0.76
C TYR B 115 6.08 -15.97 1.79
N LEU B 116 6.71 -16.41 2.87
CA LEU B 116 5.95 -17.19 3.84
C LEU B 116 4.91 -16.37 4.59
N PRO B 117 5.28 -15.16 5.07
CA PRO B 117 4.31 -14.35 5.80
C PRO B 117 3.03 -14.16 4.99
N ASP B 118 3.19 -13.97 3.68
CA ASP B 118 2.03 -13.78 2.82
C ASP B 118 1.24 -15.08 2.80
N ALA B 119 1.91 -16.18 2.45
CA ALA B 119 1.25 -17.49 2.43
C ALA B 119 0.58 -17.69 3.80
N PHE B 120 1.36 -17.50 4.85
CA PHE B 120 0.86 -17.60 6.22
C PHE B 120 -0.39 -16.76 6.38
N LEU B 121 -0.31 -15.47 6.06
CA LEU B 121 -1.46 -14.58 6.20
C LEU B 121 -2.64 -14.91 5.31
N ALA B 122 -2.39 -15.73 4.29
CA ALA B 122 -3.45 -16.13 3.36
C ALA B 122 -4.28 -17.27 3.94
N GLY B 123 -3.81 -17.84 5.04
CA GLY B 123 -4.51 -18.93 5.68
C GLY B 123 -4.22 -20.25 4.98
N ALA B 124 -3.02 -20.34 4.40
CA ALA B 124 -2.62 -21.54 3.69
C ALA B 124 -1.21 -21.99 4.07
N LYS B 125 -0.87 -23.19 3.66
CA LYS B 125 0.43 -23.78 3.95
C LYS B 125 1.40 -23.54 2.81
N ALA B 126 2.67 -23.37 3.14
CA ALA B 126 3.69 -23.12 2.13
C ALA B 126 4.82 -24.12 2.23
N ARG B 127 4.63 -25.32 1.70
CA ARG B 127 5.68 -26.33 1.72
C ARG B 127 6.85 -25.81 0.92
N LEU B 128 8.04 -25.90 1.50
CA LEU B 128 9.25 -25.43 0.85
C LEU B 128 9.82 -26.45 -0.13
N VAL B 129 10.89 -26.06 -0.82
CA VAL B 129 11.54 -26.91 -1.80
C VAL B 129 12.99 -26.43 -1.98
N ARG B 130 13.78 -26.55 -0.92
CA ARG B 130 15.18 -26.11 -0.95
C ARG B 130 15.94 -26.48 -2.22
N LEU B 131 16.96 -25.70 -2.53
CA LEU B 131 17.81 -25.94 -3.71
C LEU B 131 19.15 -26.44 -3.19
N ASP B 132 19.96 -27.01 -4.07
CA ASP B 132 21.27 -27.54 -3.72
C ASP B 132 22.32 -26.42 -3.70
N LEU B 133 23.59 -26.75 -3.44
CA LEU B 133 24.61 -25.72 -3.40
C LEU B 133 26.01 -26.16 -3.84
N THR B 134 26.07 -26.91 -4.93
CA THR B 134 27.32 -27.42 -5.48
C THR B 134 28.42 -26.35 -5.55
N PRO B 135 29.68 -26.77 -5.73
CA PRO B 135 30.79 -25.81 -5.82
C PRO B 135 30.52 -24.82 -6.94
N GLU B 136 29.97 -25.35 -8.04
CA GLU B 136 29.62 -24.54 -9.20
C GLU B 136 28.76 -23.38 -8.76
N GLY B 137 27.83 -23.67 -7.87
CA GLY B 137 26.93 -22.66 -7.34
C GLY B 137 25.62 -23.34 -6.97
N PHE B 138 24.56 -22.56 -6.80
CA PHE B 138 23.27 -23.13 -6.46
C PHE B 138 22.83 -24.08 -7.57
N ARG B 139 21.75 -24.81 -7.34
CA ARG B 139 21.28 -25.78 -8.31
C ARG B 139 19.82 -26.11 -8.06
N LEU B 140 19.04 -26.24 -9.13
CA LEU B 140 17.64 -26.59 -8.98
C LEU B 140 17.48 -28.10 -9.15
N ASP B 141 16.32 -28.62 -8.73
CA ASP B 141 16.04 -30.04 -8.84
C ASP B 141 14.58 -30.26 -9.20
N LEU B 142 14.31 -30.29 -10.50
CA LEU B 142 12.95 -30.51 -10.99
C LEU B 142 12.37 -31.74 -10.32
N SER B 143 13.25 -32.59 -9.80
CA SER B 143 12.83 -33.80 -9.10
C SER B 143 12.14 -33.40 -7.79
N ALA B 144 12.87 -32.65 -6.96
CA ALA B 144 12.35 -32.18 -5.68
C ALA B 144 11.09 -31.38 -5.98
N LEU B 145 11.17 -30.60 -7.05
CA LEU B 145 10.07 -29.77 -7.51
C LEU B 145 8.92 -30.73 -7.79
N GLU B 146 9.22 -31.74 -8.62
CA GLU B 146 8.26 -32.77 -9.01
C GLU B 146 7.67 -33.49 -7.80
N LYS B 147 8.47 -33.62 -6.74
CA LYS B 147 8.03 -34.31 -5.53
C LYS B 147 7.10 -33.47 -4.65
N ALA B 148 7.51 -32.25 -4.33
CA ALA B 148 6.72 -31.36 -3.48
C ALA B 148 5.30 -31.19 -3.98
N LEU B 149 5.08 -31.50 -5.24
CA LEU B 149 3.76 -31.39 -5.83
C LEU B 149 2.81 -32.41 -5.22
N THR B 150 1.87 -31.93 -4.42
CA THR B 150 0.88 -32.80 -3.81
C THR B 150 -0.46 -32.35 -4.36
N PRO B 151 -1.54 -33.05 -4.01
CA PRO B 151 -2.88 -32.69 -4.48
C PRO B 151 -3.40 -31.35 -4.02
N ARG B 152 -3.00 -30.92 -2.83
CA ARG B 152 -3.48 -29.64 -2.31
C ARG B 152 -2.79 -28.40 -2.88
N THR B 153 -1.63 -28.59 -3.50
CA THR B 153 -0.89 -27.48 -4.10
C THR B 153 -1.72 -26.69 -5.12
N ARG B 154 -1.85 -25.38 -4.91
CA ARG B 154 -2.64 -24.53 -5.80
C ARG B 154 -1.78 -23.69 -6.72
N ALA B 155 -0.55 -23.41 -6.30
CA ALA B 155 0.31 -22.59 -7.12
C ALA B 155 1.75 -22.72 -6.69
N LEU B 156 2.65 -22.34 -7.59
CA LEU B 156 4.08 -22.38 -7.36
C LEU B 156 4.46 -20.89 -7.33
N LEU B 157 5.63 -20.56 -6.81
CA LEU B 157 6.06 -19.17 -6.74
C LEU B 157 7.53 -19.06 -7.11
N LEU B 158 7.79 -18.75 -8.38
CA LEU B 158 9.16 -18.62 -8.88
C LEU B 158 9.71 -17.21 -8.64
N ASN B 159 11.00 -17.03 -8.88
CA ASN B 159 11.65 -15.75 -8.65
C ASN B 159 12.97 -15.64 -9.37
N THR B 160 12.94 -15.14 -10.61
CA THR B 160 14.16 -15.00 -11.41
C THR B 160 14.25 -13.65 -12.13
N PRO B 161 15.42 -13.00 -12.10
CA PRO B 161 16.66 -13.42 -11.45
C PRO B 161 16.42 -13.57 -9.95
N MET B 162 16.74 -14.76 -9.43
CA MET B 162 16.52 -15.07 -8.03
C MET B 162 17.30 -14.28 -6.97
N ASN B 163 16.57 -13.85 -5.96
CA ASN B 163 17.11 -13.11 -4.83
C ASN B 163 16.93 -14.13 -3.71
N PRO B 164 18.00 -14.41 -2.93
CA PRO B 164 19.36 -13.88 -2.95
C PRO B 164 20.46 -14.69 -3.62
N THR B 165 20.12 -15.58 -4.55
CA THR B 165 21.15 -16.40 -5.18
C THR B 165 21.79 -15.85 -6.44
N GLY B 166 21.10 -14.93 -7.11
CA GLY B 166 21.62 -14.36 -8.34
C GLY B 166 21.47 -15.35 -9.49
N LEU B 167 20.66 -16.37 -9.22
CA LEU B 167 20.39 -17.42 -10.20
C LEU B 167 19.37 -17.00 -11.25
N VAL B 168 19.77 -17.08 -12.52
CA VAL B 168 18.88 -16.72 -13.62
C VAL B 168 18.44 -17.99 -14.35
N PHE B 169 17.25 -18.47 -14.02
CA PHE B 169 16.68 -19.68 -14.60
C PHE B 169 16.74 -19.79 -16.10
N GLY B 170 17.12 -20.97 -16.57
CA GLY B 170 17.24 -21.23 -18.00
C GLY B 170 15.94 -21.56 -18.69
N GLU B 171 15.98 -21.59 -20.01
CA GLU B 171 14.80 -21.86 -20.81
C GLU B 171 14.20 -23.23 -20.54
N ARG B 172 15.00 -24.29 -20.64
CA ARG B 172 14.49 -25.64 -20.40
C ARG B 172 13.87 -25.81 -19.02
N GLU B 173 14.40 -25.11 -18.03
CA GLU B 173 13.87 -25.20 -16.67
C GLU B 173 12.54 -24.47 -16.52
N LEU B 174 12.44 -23.29 -17.12
CA LEU B 174 11.19 -22.54 -17.07
C LEU B 174 10.16 -23.46 -17.69
N GLU B 175 10.40 -23.82 -18.94
CA GLU B 175 9.53 -24.73 -19.70
C GLU B 175 9.18 -25.98 -18.90
N ALA B 176 10.19 -26.56 -18.25
CA ALA B 176 9.97 -27.75 -17.45
C ALA B 176 8.95 -27.39 -16.39
N ILE B 177 9.17 -26.26 -15.74
CA ILE B 177 8.26 -25.77 -14.70
C ILE B 177 6.88 -25.45 -15.28
N ALA B 178 6.87 -25.04 -16.54
CA ALA B 178 5.62 -24.70 -17.21
C ALA B 178 4.77 -25.94 -17.32
N ARG B 179 5.41 -27.03 -17.73
CA ARG B 179 4.75 -28.32 -17.89
C ARG B 179 4.02 -28.70 -16.61
N LEU B 180 4.77 -28.82 -15.52
CA LEU B 180 4.18 -29.17 -14.24
C LEU B 180 2.91 -28.36 -13.98
N ALA B 181 3.04 -27.05 -14.03
CA ALA B 181 1.92 -26.15 -13.77
C ALA B 181 0.67 -26.48 -14.58
N ARG B 182 0.84 -26.70 -15.89
CA ARG B 182 -0.30 -27.01 -16.76
C ARG B 182 -0.87 -28.40 -16.44
N ALA B 183 0.01 -29.36 -16.16
CA ALA B 183 -0.40 -30.72 -15.85
C ALA B 183 -1.31 -30.75 -14.61
N HIS B 184 -0.80 -30.21 -13.51
CA HIS B 184 -1.52 -30.15 -12.24
C HIS B 184 -2.54 -29.00 -12.16
N ASP B 185 -2.62 -28.20 -13.21
CA ASP B 185 -3.54 -27.05 -13.27
C ASP B 185 -3.26 -26.03 -12.17
N LEU B 186 -1.99 -25.70 -12.00
CA LEU B 186 -1.54 -24.75 -10.98
C LEU B 186 -1.37 -23.33 -11.53
N PHE B 187 -1.21 -22.39 -10.59
CA PHE B 187 -0.96 -20.98 -10.92
C PHE B 187 0.53 -20.76 -10.80
N LEU B 188 1.06 -19.87 -11.63
CA LEU B 188 2.48 -19.56 -11.57
C LEU B 188 2.68 -18.10 -11.20
N ILE B 189 3.35 -17.86 -10.08
CA ILE B 189 3.64 -16.51 -9.62
C ILE B 189 5.12 -16.26 -9.85
N SER B 190 5.41 -15.37 -10.78
CA SER B 190 6.78 -15.04 -11.12
C SER B 190 7.15 -13.64 -10.63
N ASP B 191 8.13 -13.59 -9.73
CA ASP B 191 8.60 -12.35 -9.14
C ASP B 191 9.82 -11.97 -9.99
N GLU B 192 9.62 -11.07 -10.93
CA GLU B 192 10.68 -10.65 -11.84
C GLU B 192 11.17 -9.20 -11.74
N VAL B 193 11.14 -8.64 -10.54
CA VAL B 193 11.57 -7.28 -10.33
C VAL B 193 12.95 -6.99 -10.91
N TYR B 194 13.78 -8.02 -11.09
CA TYR B 194 15.13 -7.83 -11.63
C TYR B 194 15.24 -8.24 -13.08
N ASP B 195 14.10 -8.24 -13.78
CA ASP B 195 14.04 -8.62 -15.19
C ASP B 195 15.02 -7.91 -16.12
N GLU B 196 15.48 -6.73 -15.74
CA GLU B 196 16.42 -6.00 -16.57
C GLU B 196 17.82 -6.01 -15.99
N LEU B 197 17.98 -6.64 -14.83
CA LEU B 197 19.31 -6.71 -14.21
C LEU B 197 19.92 -8.11 -14.30
N TYR B 198 20.48 -8.41 -15.47
CA TYR B 198 21.12 -9.68 -15.74
C TYR B 198 22.52 -9.46 -16.33
N TYR B 199 23.49 -10.23 -15.86
CA TYR B 199 24.85 -10.06 -16.35
C TYR B 199 25.18 -11.00 -17.48
N GLY B 200 24.31 -11.98 -17.71
CA GLY B 200 24.56 -12.93 -18.75
C GLY B 200 23.96 -12.63 -20.11
N GLU B 201 22.96 -13.44 -20.47
CA GLU B 201 22.27 -13.31 -21.76
C GLU B 201 20.81 -13.02 -21.47
N ARG B 202 20.18 -12.26 -22.35
CA ARG B 202 18.77 -11.91 -22.20
C ARG B 202 17.95 -13.12 -21.77
N PRO B 203 17.56 -13.19 -20.49
CA PRO B 203 16.77 -14.31 -19.97
C PRO B 203 15.34 -14.34 -20.50
N ARG B 204 14.83 -15.54 -20.73
CA ARG B 204 13.47 -15.73 -21.22
C ARG B 204 12.53 -15.58 -20.04
N ARG B 205 11.27 -15.31 -20.33
CA ARG B 205 10.27 -15.12 -19.29
C ARG B 205 9.34 -16.33 -19.18
N LEU B 206 8.99 -16.69 -17.95
CA LEU B 206 8.11 -17.81 -17.73
C LEU B 206 6.81 -17.66 -18.50
N ARG B 207 6.22 -16.46 -18.47
CA ARG B 207 4.96 -16.20 -19.14
C ARG B 207 4.92 -16.59 -20.62
N GLU B 208 6.08 -16.82 -21.21
CA GLU B 208 6.14 -17.22 -22.62
C GLU B 208 5.82 -18.69 -22.76
N PHE B 209 5.81 -19.41 -21.63
CA PHE B 209 5.55 -20.84 -21.65
C PHE B 209 4.21 -21.25 -21.06
N ALA B 210 3.60 -20.36 -20.27
CA ALA B 210 2.32 -20.67 -19.65
C ALA B 210 1.51 -19.40 -19.45
N PRO B 211 1.51 -18.51 -20.45
CA PRO B 211 0.78 -17.25 -20.39
C PRO B 211 -0.65 -17.32 -19.87
N GLU B 212 -1.24 -18.52 -19.86
CA GLU B 212 -2.63 -18.67 -19.42
C GLU B 212 -2.82 -18.78 -17.91
N ARG B 213 -1.73 -18.93 -17.17
CA ARG B 213 -1.85 -19.08 -15.72
C ARG B 213 -0.68 -18.45 -14.96
N THR B 214 0.17 -17.69 -15.66
CA THR B 214 1.31 -17.05 -15.02
C THR B 214 1.05 -15.58 -14.70
N PHE B 215 1.37 -15.20 -13.46
CA PHE B 215 1.22 -13.83 -13.01
C PHE B 215 2.61 -13.25 -12.84
N THR B 216 2.99 -12.27 -13.66
CA THR B 216 4.32 -11.70 -13.52
C THR B 216 4.30 -10.41 -12.68
N VAL B 217 5.27 -10.31 -11.79
CA VAL B 217 5.39 -9.18 -10.91
C VAL B 217 6.68 -8.40 -11.20
N GLY B 218 6.56 -7.08 -11.26
CA GLY B 218 7.74 -6.24 -11.53
C GLY B 218 7.76 -5.03 -10.60
N SER B 219 8.82 -4.24 -10.66
CA SER B 219 8.92 -3.06 -9.79
C SER B 219 9.69 -1.88 -10.38
N ALA B 220 9.04 -0.73 -10.42
CA ALA B 220 9.69 0.47 -10.93
C ALA B 220 10.91 0.77 -10.07
N GLY B 221 10.81 0.48 -8.78
CA GLY B 221 11.91 0.73 -7.87
C GLY B 221 13.21 0.05 -8.28
N LYS B 222 13.13 -1.23 -8.64
CA LYS B 222 14.32 -1.98 -9.03
C LYS B 222 14.78 -1.64 -10.42
N ARG B 223 13.84 -1.40 -11.33
CA ARG B 223 14.21 -1.03 -12.69
C ARG B 223 14.90 0.32 -12.73
N LEU B 224 14.34 1.30 -12.02
CA LEU B 224 14.84 2.68 -12.05
C LEU B 224 15.59 3.29 -10.86
N GLU B 225 16.19 2.46 -10.03
CA GLU B 225 16.95 2.98 -8.89
C GLU B 225 16.12 3.92 -8.02
N ALA B 226 14.84 3.62 -7.85
CA ALA B 226 13.96 4.46 -7.05
C ALA B 226 13.07 3.56 -6.21
N THR B 227 13.70 2.82 -5.31
CA THR B 227 13.01 1.87 -4.44
C THR B 227 11.96 2.43 -3.49
N GLY B 228 12.02 3.73 -3.23
CA GLY B 228 11.05 4.33 -2.32
C GLY B 228 9.83 4.89 -3.00
N TYR B 229 9.74 4.75 -4.32
CA TYR B 229 8.60 5.29 -5.04
C TYR B 229 7.34 4.47 -4.84
N ARG B 230 7.52 3.21 -4.45
CA ARG B 230 6.41 2.30 -4.19
C ARG B 230 5.42 2.13 -5.36
N VAL B 231 5.95 1.84 -6.53
CA VAL B 231 5.16 1.63 -7.73
C VAL B 231 5.58 0.27 -8.29
N GLY B 232 4.62 -0.66 -8.36
CA GLY B 232 4.94 -1.97 -8.87
C GLY B 232 3.84 -2.44 -9.79
N TRP B 233 3.95 -3.64 -10.32
CA TRP B 233 2.90 -4.12 -11.22
C TRP B 233 2.72 -5.63 -11.32
N ILE B 234 1.51 -6.02 -11.67
CA ILE B 234 1.16 -7.43 -11.86
C ILE B 234 0.65 -7.53 -13.30
N VAL B 235 1.29 -8.37 -14.10
CA VAL B 235 0.90 -8.60 -15.47
C VAL B 235 0.44 -10.05 -15.63
N GLY B 236 -0.87 -10.24 -15.82
CA GLY B 236 -1.38 -11.59 -15.97
C GLY B 236 -2.60 -11.70 -16.87
N PRO B 237 -3.19 -12.91 -16.98
CA PRO B 237 -4.36 -13.11 -17.83
C PRO B 237 -5.52 -12.19 -17.44
N LYS B 238 -5.91 -11.36 -18.40
CA LYS B 238 -6.99 -10.40 -18.23
C LYS B 238 -8.23 -10.86 -17.49
N GLU B 239 -8.56 -12.14 -17.57
CA GLU B 239 -9.75 -12.65 -16.90
C GLU B 239 -9.71 -12.50 -15.38
N PHE B 240 -8.51 -12.59 -14.81
CA PHE B 240 -8.34 -12.49 -13.37
C PHE B 240 -8.01 -11.07 -12.87
N MET B 241 -7.56 -10.20 -13.77
CA MET B 241 -7.18 -8.85 -13.38
C MET B 241 -8.19 -7.99 -12.62
N PRO B 242 -9.42 -7.86 -13.14
CA PRO B 242 -10.43 -7.04 -12.46
C PRO B 242 -10.55 -7.38 -10.97
N ARG B 243 -10.18 -8.60 -10.64
CA ARG B 243 -10.23 -9.09 -9.26
C ARG B 243 -9.01 -8.59 -8.49
N LEU B 244 -7.83 -8.74 -9.07
CA LEU B 244 -6.62 -8.29 -8.41
C LEU B 244 -6.63 -6.78 -8.12
N ALA B 245 -7.28 -6.01 -8.99
CA ALA B 245 -7.36 -4.58 -8.78
C ALA B 245 -8.30 -4.36 -7.61
N GLY B 246 -9.34 -5.19 -7.55
CA GLY B 246 -10.30 -5.10 -6.48
C GLY B 246 -9.69 -5.45 -5.12
N MET B 247 -8.69 -6.32 -5.08
CA MET B 247 -8.07 -6.69 -3.80
C MET B 247 -7.20 -5.55 -3.31
N ARG B 248 -6.25 -5.11 -4.14
CA ARG B 248 -5.33 -4.01 -3.80
C ARG B 248 -6.11 -2.72 -3.57
N GLN B 249 -7.33 -2.67 -4.07
CA GLN B 249 -8.17 -1.51 -3.89
C GLN B 249 -8.36 -1.31 -2.39
N TRP B 250 -8.60 -2.42 -1.69
CA TRP B 250 -8.86 -2.42 -0.25
C TRP B 250 -7.60 -2.29 0.60
N THR B 251 -6.45 -2.60 0.04
CA THR B 251 -5.21 -2.49 0.80
C THR B 251 -4.70 -1.05 0.81
N SER B 252 -4.26 -0.54 -0.33
CA SER B 252 -3.77 0.85 -0.41
C SER B 252 -4.45 1.68 -1.51
N PHE B 253 -5.65 1.26 -1.90
CA PHE B 253 -6.44 1.91 -2.95
C PHE B 253 -5.75 2.02 -4.32
N SER B 254 -4.65 2.77 -4.42
CA SER B 254 -3.90 2.88 -5.66
C SER B 254 -2.56 3.43 -5.36
N ALA B 255 -1.65 3.32 -6.33
CA ALA B 255 -0.30 3.81 -6.16
C ALA B 255 -0.24 5.34 -6.26
N PRO B 256 0.86 5.95 -5.75
CA PRO B 256 1.07 7.41 -5.76
C PRO B 256 0.96 7.98 -7.17
N THR B 257 -0.02 8.85 -7.41
CA THR B 257 -0.24 9.44 -8.73
C THR B 257 0.98 10.08 -9.44
N PRO B 258 1.65 11.05 -8.80
CA PRO B 258 2.81 11.68 -9.44
C PRO B 258 3.93 10.69 -9.80
N LEU B 259 4.17 9.73 -8.91
CA LEU B 259 5.19 8.73 -9.15
C LEU B 259 4.75 7.83 -10.33
N GLN B 260 3.49 7.42 -10.35
CA GLN B 260 2.99 6.60 -11.45
C GLN B 260 3.13 7.40 -12.74
N ALA B 261 2.77 8.67 -12.70
CA ALA B 261 2.88 9.53 -13.87
C ALA B 261 4.33 9.57 -14.36
N GLY B 262 5.25 9.87 -13.47
CA GLY B 262 6.66 9.93 -13.85
C GLY B 262 7.26 8.60 -14.30
N VAL B 263 6.86 7.50 -13.66
CA VAL B 263 7.40 6.20 -14.05
C VAL B 263 6.91 5.84 -15.44
N ALA B 264 5.69 6.24 -15.76
CA ALA B 264 5.10 5.99 -17.07
C ALA B 264 5.99 6.56 -18.17
N GLU B 265 6.43 7.81 -18.02
CA GLU B 265 7.30 8.43 -19.02
C GLU B 265 8.68 7.79 -18.99
N ALA B 266 9.17 7.53 -17.78
CA ALA B 266 10.48 6.92 -17.59
C ALA B 266 10.60 5.54 -18.23
N LEU B 267 9.58 4.70 -18.12
CA LEU B 267 9.66 3.38 -18.73
C LEU B 267 9.89 3.51 -20.22
N LYS B 268 9.24 4.48 -20.85
CA LYS B 268 9.44 4.67 -22.28
C LYS B 268 10.82 5.27 -22.58
N LEU B 269 11.17 6.35 -21.89
CA LEU B 269 12.47 6.96 -22.12
C LEU B 269 13.59 5.95 -21.91
N ALA B 270 13.43 5.08 -20.92
CA ALA B 270 14.44 4.07 -20.61
C ALA B 270 14.83 3.23 -21.82
N ARG B 271 13.87 2.55 -22.43
CA ARG B 271 14.13 1.74 -23.60
C ARG B 271 14.87 2.57 -24.64
N ARG B 272 14.24 3.68 -25.05
CA ARG B 272 14.80 4.58 -26.05
C ARG B 272 16.26 4.96 -25.81
N GLU B 273 16.53 5.61 -24.67
CA GLU B 273 17.86 6.07 -24.34
C GLU B 273 18.91 4.99 -24.01
N GLY B 274 18.52 3.71 -24.09
CA GLY B 274 19.45 2.64 -23.77
C GLY B 274 19.88 2.61 -22.31
N PHE B 275 19.03 3.16 -21.44
CA PHE B 275 19.32 3.20 -20.02
C PHE B 275 19.64 1.83 -19.40
N TYR B 276 18.72 0.87 -19.54
CA TYR B 276 18.90 -0.48 -18.99
C TYR B 276 20.19 -1.09 -19.47
N GLU B 277 20.52 -0.84 -20.73
CA GLU B 277 21.74 -1.35 -21.33
C GLU B 277 22.89 -1.03 -20.39
N ALA B 278 23.14 0.27 -20.23
CA ALA B 278 24.22 0.77 -19.39
C ALA B 278 24.04 0.46 -17.92
N LEU B 279 22.81 0.33 -17.45
CA LEU B 279 22.62 0.02 -16.05
C LEU B 279 23.22 -1.34 -15.76
N ARG B 280 23.14 -2.23 -16.76
CA ARG B 280 23.68 -3.57 -16.58
C ARG B 280 25.19 -3.51 -16.62
N GLU B 281 25.74 -2.58 -17.39
CA GLU B 281 27.18 -2.42 -17.48
C GLU B 281 27.75 -2.17 -16.09
N GLY B 282 27.51 -0.96 -15.57
CA GLY B 282 28.00 -0.60 -14.26
C GLY B 282 27.75 -1.61 -13.16
N TYR B 283 26.66 -2.38 -13.25
CA TYR B 283 26.38 -3.37 -12.24
C TYR B 283 27.26 -4.60 -12.38
N ARG B 284 27.82 -4.78 -13.58
CA ARG B 284 28.70 -5.92 -13.83
C ARG B 284 29.98 -5.66 -13.05
N ARG B 285 30.63 -4.54 -13.34
CA ARG B 285 31.86 -4.16 -12.65
C ARG B 285 31.68 -4.41 -11.16
N ARG B 286 30.89 -3.55 -10.53
CA ARG B 286 30.65 -3.67 -9.11
C ARG B 286 30.35 -5.10 -8.68
N ARG B 287 29.94 -5.94 -9.62
CA ARG B 287 29.67 -7.33 -9.26
C ARG B 287 31.01 -8.06 -9.17
N ASP B 288 31.77 -7.99 -10.24
CA ASP B 288 33.07 -8.63 -10.32
C ASP B 288 33.98 -8.13 -9.20
N LEU B 289 34.10 -6.81 -9.10
CA LEU B 289 34.93 -6.18 -8.10
C LEU B 289 34.71 -6.73 -6.68
N LEU B 290 33.48 -6.74 -6.23
CA LEU B 290 33.16 -7.23 -4.88
C LEU B 290 33.43 -8.73 -4.65
N ALA B 291 33.33 -9.53 -5.72
CA ALA B 291 33.56 -10.98 -5.59
C ALA B 291 35.04 -11.34 -5.68
N GLY B 292 35.75 -10.74 -6.64
CA GLY B 292 37.16 -11.02 -6.77
C GLY B 292 37.85 -10.59 -5.49
N GLY B 293 37.49 -9.42 -5.00
CA GLY B 293 38.07 -8.90 -3.78
C GLY B 293 37.89 -9.82 -2.59
N LEU B 294 36.96 -10.77 -2.71
CA LEU B 294 36.70 -11.71 -1.64
C LEU B 294 37.51 -12.99 -1.84
N ARG B 295 37.93 -13.23 -3.08
CA ARG B 295 38.75 -14.39 -3.39
C ARG B 295 40.15 -14.05 -2.88
N ALA B 296 40.59 -12.83 -3.19
CA ALA B 296 41.90 -12.36 -2.76
C ALA B 296 42.04 -12.60 -1.26
N MET B 297 40.92 -12.52 -0.55
CA MET B 297 40.90 -12.77 0.88
C MET B 297 40.89 -14.29 1.09
N GLY B 298 40.23 -14.99 0.18
CA GLY B 298 40.17 -16.44 0.25
C GLY B 298 38.87 -17.03 0.75
N LEU B 299 37.75 -16.66 0.12
CA LEU B 299 36.46 -17.19 0.53
C LEU B 299 35.65 -17.81 -0.61
N ARG B 300 34.61 -18.53 -0.21
CA ARG B 300 33.71 -19.19 -1.16
C ARG B 300 32.76 -18.12 -1.70
N VAL B 301 32.93 -17.76 -2.96
CA VAL B 301 32.09 -16.74 -3.59
C VAL B 301 31.33 -17.26 -4.81
N TYR B 302 30.03 -17.01 -4.84
CA TYR B 302 29.17 -17.44 -5.94
C TYR B 302 28.76 -16.27 -6.84
N VAL B 303 29.50 -16.08 -7.93
CA VAL B 303 29.21 -15.01 -8.88
C VAL B 303 27.82 -15.23 -9.46
N PRO B 304 26.88 -14.31 -9.18
CA PRO B 304 25.49 -14.34 -9.65
C PRO B 304 25.31 -14.01 -11.13
N GLU B 305 24.18 -14.44 -11.68
CA GLU B 305 23.85 -14.18 -13.08
C GLU B 305 23.03 -12.88 -13.14
N GLY B 306 22.32 -12.61 -12.06
CA GLY B 306 21.49 -11.40 -12.01
C GLY B 306 21.43 -10.74 -10.65
N THR B 307 20.53 -9.75 -10.54
CA THR B 307 20.33 -8.96 -9.33
C THR B 307 21.62 -8.24 -8.96
N TYR B 308 21.55 -7.35 -7.98
CA TYR B 308 22.75 -6.64 -7.55
C TYR B 308 23.24 -7.18 -6.22
N PHE B 309 22.81 -8.40 -5.90
CA PHE B 309 23.21 -9.07 -4.67
C PHE B 309 24.30 -10.10 -4.96
N LEU B 310 24.63 -10.93 -3.97
CA LEU B 310 25.68 -11.95 -4.10
C LEU B 310 25.94 -12.64 -2.76
N MET B 311 25.96 -13.98 -2.75
CA MET B 311 26.21 -14.71 -1.52
C MET B 311 27.62 -15.28 -1.41
N ALA B 312 28.10 -15.38 -0.18
CA ALA B 312 29.44 -15.90 0.11
C ALA B 312 29.47 -16.54 1.50
N GLU B 313 30.57 -17.22 1.80
CA GLU B 313 30.73 -17.88 3.09
C GLU B 313 31.78 -17.23 3.98
N LEU B 314 31.38 -16.92 5.21
CA LEU B 314 32.24 -16.27 6.19
C LEU B 314 32.52 -17.19 7.37
N PRO B 315 33.72 -17.81 7.40
CA PRO B 315 34.21 -18.73 8.43
C PRO B 315 33.84 -18.40 9.89
N GLY B 316 33.01 -19.26 10.47
CA GLY B 316 32.58 -19.12 11.86
C GLY B 316 32.10 -17.76 12.28
N TRP B 317 31.32 -17.12 11.42
CA TRP B 317 30.81 -15.78 11.73
C TRP B 317 29.29 -15.72 11.78
N ASP B 318 28.79 -14.54 12.13
CA ASP B 318 27.35 -14.31 12.19
C ASP B 318 27.01 -12.89 11.78
N ALA B 319 25.79 -12.46 12.09
CA ALA B 319 25.32 -11.14 11.71
C ALA B 319 25.74 -9.96 12.59
N PHE B 320 24.96 -9.70 13.63
CA PHE B 320 25.20 -8.60 14.55
C PHE B 320 26.61 -8.53 15.13
N ARG B 321 27.25 -9.68 15.30
CA ARG B 321 28.61 -9.74 15.86
C ARG B 321 29.61 -9.24 14.82
N LEU B 322 29.13 -9.04 13.60
CA LEU B 322 29.96 -8.56 12.51
C LEU B 322 29.85 -7.04 12.39
N VAL B 323 28.62 -6.54 12.39
CA VAL B 323 28.34 -5.11 12.28
C VAL B 323 28.80 -4.34 13.53
N GLU B 324 29.44 -5.06 14.46
CA GLU B 324 29.93 -4.45 15.68
C GLU B 324 31.45 -4.33 15.66
N GLU B 325 32.12 -5.40 15.27
CA GLU B 325 33.58 -5.42 15.21
C GLU B 325 34.14 -5.00 13.85
N ALA B 326 33.56 -5.54 12.78
CA ALA B 326 34.01 -5.23 11.42
C ALA B 326 33.37 -3.95 10.94
N ARG B 327 32.21 -3.64 11.51
CA ARG B 327 31.46 -2.44 11.14
C ARG B 327 31.07 -2.45 9.66
N VAL B 328 30.47 -3.57 9.24
CA VAL B 328 30.00 -3.74 7.87
C VAL B 328 28.74 -4.60 7.96
N ALA B 329 27.68 -4.16 7.30
CA ALA B 329 26.41 -4.88 7.32
C ALA B 329 26.32 -6.00 6.28
N LEU B 330 25.72 -7.11 6.67
CA LEU B 330 25.55 -8.27 5.80
C LEU B 330 24.31 -9.03 6.24
N ILE B 331 23.76 -9.86 5.37
CA ILE B 331 22.58 -10.63 5.73
C ILE B 331 22.86 -12.13 5.88
N PRO B 332 22.62 -12.69 7.07
CA PRO B 332 22.86 -14.12 7.30
C PRO B 332 21.75 -14.96 6.69
N ALA B 333 22.11 -16.10 6.12
CA ALA B 333 21.15 -16.97 5.47
C ALA B 333 19.91 -17.29 6.33
N SER B 334 20.02 -17.15 7.64
CA SER B 334 18.89 -17.45 8.52
C SER B 334 17.57 -16.79 8.12
N ALA B 335 17.65 -15.73 7.31
CA ALA B 335 16.46 -14.99 6.86
C ALA B 335 15.77 -15.61 5.67
N PHE B 336 16.52 -16.36 4.87
CA PHE B 336 16.00 -17.00 3.67
C PHE B 336 15.47 -18.42 3.86
N TYR B 337 16.08 -19.15 4.80
CA TYR B 337 15.70 -20.52 5.10
C TYR B 337 14.84 -20.60 6.36
N LEU B 338 14.00 -21.63 6.45
CA LEU B 338 13.13 -21.81 7.59
C LEU B 338 13.81 -22.56 8.73
N GLU B 339 14.45 -23.69 8.43
CA GLU B 339 15.14 -24.50 9.44
C GLU B 339 16.49 -24.93 8.91
N ASP B 340 17.40 -25.29 9.81
CA ASP B 340 18.73 -25.74 9.44
C ASP B 340 19.29 -25.07 8.19
N PRO B 341 19.59 -23.77 8.28
CA PRO B 341 20.13 -23.01 7.15
C PRO B 341 21.65 -23.15 7.08
N PRO B 342 22.20 -23.32 5.87
CA PRO B 342 23.63 -23.47 5.64
C PRO B 342 24.53 -22.64 6.55
N LYS B 343 25.69 -23.21 6.86
CA LYS B 343 26.69 -22.60 7.74
C LYS B 343 27.55 -21.56 7.05
N ASP B 344 27.71 -20.41 7.70
CA ASP B 344 28.54 -19.31 7.19
C ASP B 344 28.14 -18.68 5.87
N LEU B 345 26.86 -18.72 5.50
CA LEU B 345 26.46 -18.13 4.23
C LEU B 345 25.88 -16.72 4.42
N PHE B 346 26.62 -15.72 3.95
CA PHE B 346 26.21 -14.32 4.08
C PHE B 346 26.01 -13.56 2.76
N ARG B 347 24.81 -13.03 2.57
CA ARG B 347 24.48 -12.27 1.37
C ARG B 347 24.91 -10.82 1.51
N PHE B 348 25.64 -10.33 0.51
CA PHE B 348 26.10 -8.95 0.50
C PHE B 348 25.08 -8.05 -0.20
N ALA B 349 25.57 -7.18 -1.08
CA ALA B 349 24.79 -6.23 -1.87
C ALA B 349 25.79 -5.21 -2.42
N PHE B 350 26.09 -5.31 -3.71
CA PHE B 350 27.06 -4.39 -4.31
C PHE B 350 26.53 -3.19 -5.07
N CYS B 351 25.28 -2.81 -4.81
CA CYS B 351 24.72 -1.64 -5.49
C CYS B 351 25.03 -0.41 -4.63
N LYS B 352 26.34 -0.13 -4.49
CA LYS B 352 26.84 0.99 -3.72
C LYS B 352 27.96 1.61 -4.55
N THR B 353 28.52 2.72 -4.09
CA THR B 353 29.59 3.34 -4.84
C THR B 353 30.79 2.40 -4.80
N GLU B 354 31.77 2.65 -5.66
CA GLU B 354 32.96 1.81 -5.67
C GLU B 354 33.64 2.00 -4.31
N GLU B 355 33.67 3.25 -3.87
CA GLU B 355 34.27 3.61 -2.59
C GLU B 355 33.74 2.63 -1.53
N GLU B 356 32.44 2.71 -1.28
CA GLU B 356 31.77 1.86 -0.30
C GLU B 356 32.11 0.38 -0.40
N LEU B 357 32.36 -0.09 -1.62
CA LEU B 357 32.71 -1.48 -1.84
C LEU B 357 34.10 -1.72 -1.28
N HIS B 358 35.06 -0.90 -1.72
CA HIS B 358 36.43 -1.00 -1.25
C HIS B 358 36.45 -0.94 0.29
N LEU B 359 36.02 0.20 0.82
CA LEU B 359 35.99 0.41 2.27
C LEU B 359 35.30 -0.73 3.03
N ALA B 360 34.46 -1.50 2.36
CA ALA B 360 33.78 -2.61 3.01
C ALA B 360 34.72 -3.81 3.08
N LEU B 361 35.57 -3.93 2.07
CA LEU B 361 36.55 -5.03 2.01
C LEU B 361 37.62 -4.85 3.07
N GLU B 362 38.17 -3.64 3.17
CA GLU B 362 39.20 -3.35 4.15
C GLU B 362 38.75 -3.85 5.52
N ARG B 363 37.74 -3.19 6.06
CA ARG B 363 37.18 -3.56 7.37
C ARG B 363 36.89 -5.06 7.44
N LEU B 364 36.82 -5.71 6.28
CA LEU B 364 36.59 -7.15 6.20
C LEU B 364 37.93 -7.87 6.35
N GLY B 365 38.93 -7.40 5.59
CA GLY B 365 40.25 -7.99 5.62
C GLY B 365 40.87 -8.11 7.00
N ARG B 366 40.86 -7.02 7.75
CA ARG B 366 41.43 -7.03 9.09
C ARG B 366 40.61 -7.89 10.04
N VAL B 367 40.08 -8.97 9.50
CA VAL B 367 39.27 -9.96 10.22
C VAL B 367 39.16 -11.17 9.29
N1 PLP C . -11.54 7.05 5.39
C2 PLP C . -12.37 8.04 5.03
C2A PLP C . -13.60 8.26 5.87
C3 PLP C . -12.08 8.81 3.93
O3 PLP C . -12.92 9.83 3.55
C4 PLP C . -10.92 8.54 3.20
C4A PLP C . -10.56 9.43 1.98
C5 PLP C . -10.08 7.50 3.60
C6 PLP C . -10.41 6.77 4.69
C5A PLP C . -8.79 7.09 2.85
O4P PLP C . -7.70 8.03 2.92
P PLP C . -6.43 7.72 2.11
O1P PLP C . -5.36 8.43 2.80
O2P PLP C . -6.71 8.37 0.70
O3P PLP C . -6.23 6.28 1.80
C1 KMT D . -15.06 9.66 -0.89
O1 KMT D . -15.42 9.99 -1.95
O2 KMT D . -15.80 9.39 0.12
C2 KMT D . -13.61 9.53 -0.63
O5 KMT D . -13.01 10.56 -0.24
C3 KMT D . -12.93 8.25 -0.84
C4 KMT D . -12.75 8.12 -2.35
S1 KMT D . -11.98 6.65 -2.90
C5 KMT D . -10.46 6.53 -1.93
N1 PLP E . 10.89 -9.13 -4.44
C2 PLP E . 12.24 -9.06 -4.67
C2A PLP E . 13.00 -10.33 -5.07
C3 PLP E . 12.89 -7.85 -4.53
O3 PLP E . 14.26 -7.80 -4.74
C4 PLP E . 12.19 -6.69 -4.17
C4A PLP E . 12.93 -5.34 -4.05
C5 PLP E . 10.80 -6.81 -3.96
C6 PLP E . 10.19 -8.04 -4.10
C5A PLP E . 9.92 -5.67 -3.57
O4P PLP E . 9.82 -4.66 -4.57
P PLP E . 9.01 -3.34 -4.24
O1P PLP E . 8.67 -2.78 -5.58
O2P PLP E . 10.15 -2.42 -3.53
O3P PLP E . 7.93 -3.58 -3.29
C1 KMT F . 16.47 -6.77 -0.31
O1 KMT F . 17.47 -6.32 0.08
O2 KMT F . 16.07 -8.00 -0.26
C2 KMT F . 15.51 -5.85 -0.97
O5 KMT F . 15.86 -5.29 -2.04
C3 KMT F . 14.19 -5.62 -0.36
C4 KMT F . 14.40 -4.86 0.95
S1 KMT F . 12.90 -4.53 1.81
C5 KMT F . 12.25 -6.17 2.22
#